data_3KCZ
#
_entry.id   3KCZ
#
_cell.length_a   58.280
_cell.length_b   134.720
_cell.length_c   58.250
_cell.angle_alpha   90.00
_cell.angle_beta   117.67
_cell.angle_gamma   90.00
#
_symmetry.space_group_name_H-M   'P 1 21 1'
#
loop_
_entity.id
_entity.type
_entity.pdbx_description
1 polymer 'Poly [ADP-ribose] polymerase 2'
2 non-polymer 3-aminobenzamide
3 non-polymer GLYCEROL
4 water water
#
_entity_poly.entity_id   1
_entity_poly.type   'polypeptide(L)'
_entity_poly.pdbx_seq_one_letter_code
;MHHHHHHSSGVDLGTENLYFQSMDLRVQELIKLICNVQAMEEMMMEMKYNTKKAPLGKLTVAQIKAGYQSLKKIEDCIRA
GQHGRALMEACNEFYTRIPHDFGLRTPPLIRTQKELSEKIQLLEALGDIEIAIKLVKTELQSPEHPLDQHYRNLHCALRP
LDHESYEFKVISQYLQSTHAPTHSDYTMTLLDLFEVEKDGEKEAFREDLHNRMLLWHGSRMSNWVGILSHGLRIAHPEAP
ITGYMFGKGIYFADMSSKSANYCFASRLKNTGLLLLSEVALGQCNELLEANPKAEGLLQGKHSTKGLGKMAPSSAHFVTL
NGSTVPLGPASDTGILNPDGYTLNYNEYIVYNPNQVRMRYLLKVQFNF
;
_entity_poly.pdbx_strand_id   A,B
#
# COMPACT_ATOMS: atom_id res chain seq x y z
N LEU A 13 28.52 -34.91 -13.87
CA LEU A 13 27.91 -33.59 -13.48
C LEU A 13 28.42 -33.14 -12.11
N GLY A 14 28.46 -34.07 -11.17
CA GLY A 14 29.01 -33.81 -9.83
C GLY A 14 30.47 -33.42 -9.88
N THR A 15 31.26 -34.15 -10.66
CA THR A 15 32.69 -33.83 -10.80
C THR A 15 32.81 -32.53 -11.58
N GLU A 16 32.07 -32.40 -12.67
CA GLU A 16 32.09 -31.15 -13.44
C GLU A 16 31.76 -29.94 -12.57
N ASN A 17 30.89 -30.11 -11.58
CA ASN A 17 30.54 -29.01 -10.70
CA ASN A 17 30.52 -29.04 -10.64
C ASN A 17 31.72 -28.60 -9.78
N LEU A 18 32.49 -29.58 -9.31
CA LEU A 18 33.65 -29.31 -8.46
C LEU A 18 34.77 -28.58 -9.18
N TYR A 19 35.07 -29.00 -10.41
CA TYR A 19 36.14 -28.33 -11.16
C TYR A 19 35.79 -26.88 -11.50
N PHE A 20 34.57 -26.64 -11.98
CA PHE A 20 34.16 -25.27 -12.24
C PHE A 20 33.79 -24.50 -10.98
N GLN A 21 33.61 -25.22 -9.87
CA GLN A 21 33.13 -24.65 -8.60
C GLN A 21 31.89 -23.76 -8.81
N SER A 22 30.99 -24.28 -9.63
CA SER A 22 29.69 -23.68 -9.87
C SER A 22 28.86 -23.76 -8.57
N MET A 23 27.77 -23.02 -8.58
CA MET A 23 26.68 -23.16 -7.60
C MET A 23 26.39 -24.64 -7.32
N ASP A 24 26.12 -24.96 -6.05
CA ASP A 24 25.75 -26.31 -5.62
C ASP A 24 24.62 -26.81 -6.51
N LEU A 25 24.73 -28.05 -6.97
CA LEU A 25 23.76 -28.64 -7.91
C LEU A 25 22.30 -28.62 -7.43
N ARG A 26 22.10 -28.77 -6.13
CA ARG A 26 20.79 -28.80 -5.53
C ARG A 26 20.20 -27.40 -5.63
N VAL A 27 21.04 -26.40 -5.39
CA VAL A 27 20.59 -25.01 -5.52
C VAL A 27 20.29 -24.71 -6.98
N GLN A 28 21.11 -25.23 -7.90
CA GLN A 28 20.87 -25.04 -9.33
C GLN A 28 19.49 -25.56 -9.75
N GLU A 29 19.14 -26.75 -9.25
CA GLU A 29 17.85 -27.34 -9.54
C GLU A 29 16.70 -26.54 -8.95
N LEU A 30 16.90 -25.99 -7.76
CA LEU A 30 15.90 -25.13 -7.10
C LEU A 30 15.67 -23.85 -7.91
N ILE A 31 16.74 -23.15 -8.29
CA ILE A 31 16.63 -21.95 -9.13
C ILE A 31 16.00 -22.21 -10.48
N LYS A 32 16.40 -23.30 -11.15
CA LYS A 32 15.84 -23.63 -12.46
C LYS A 32 14.33 -23.80 -12.33
N LEU A 33 13.94 -24.51 -11.28
CA LEU A 33 12.56 -24.79 -11.02
C LEU A 33 11.70 -23.53 -10.76
N ILE A 34 12.14 -22.66 -9.85
CA ILE A 34 11.31 -21.50 -9.52
C ILE A 34 11.34 -20.42 -10.60
N CYS A 35 12.43 -20.36 -11.37
CA CYS A 35 12.56 -19.35 -12.43
C CYS A 35 12.01 -19.80 -13.77
N ASN A 36 11.40 -20.99 -13.85
CA ASN A 36 10.85 -21.53 -15.09
C ASN A 36 9.62 -20.73 -15.53
N VAL A 37 9.80 -19.95 -16.58
CA VAL A 37 8.75 -19.04 -17.03
C VAL A 37 7.67 -19.79 -17.79
N GLN A 38 8.06 -20.82 -18.53
CA GLN A 38 7.08 -21.69 -19.19
C GLN A 38 6.11 -22.30 -18.19
N ALA A 39 6.58 -22.61 -16.98
CA ALA A 39 5.71 -23.17 -15.96
C ALA A 39 4.76 -22.10 -15.42
N MET A 40 5.22 -20.84 -15.38
CA MET A 40 4.37 -19.74 -14.97
C MET A 40 3.24 -19.54 -15.99
N GLU A 41 3.58 -19.63 -17.27
CA GLU A 41 2.62 -19.58 -18.39
C GLU A 41 1.54 -20.66 -18.24
N GLU A 42 1.94 -21.89 -18.04
CA GLU A 42 1.01 -22.97 -17.87
C GLU A 42 0.15 -22.75 -16.63
N MET A 43 0.75 -22.29 -15.55
CA MET A 43 0.03 -22.06 -14.30
C MET A 43 -1.04 -20.99 -14.49
N MET A 44 -0.71 -19.92 -15.19
CA MET A 44 -1.68 -18.87 -15.42
C MET A 44 -2.80 -19.31 -16.36
N MET A 45 -2.48 -20.07 -17.41
CA MET A 45 -3.52 -20.60 -18.30
C MET A 45 -4.49 -21.44 -17.47
N GLU A 46 -3.97 -22.25 -16.56
CA GLU A 46 -4.79 -23.05 -15.64
C GLU A 46 -5.74 -22.23 -14.76
N MET A 47 -5.32 -21.02 -14.41
CA MET A 47 -6.17 -20.12 -13.63
C MET A 47 -7.12 -19.31 -14.52
N LYS A 48 -7.13 -19.60 -15.84
CA LYS A 48 -8.04 -19.00 -16.85
C LYS A 48 -7.59 -17.64 -17.35
N TYR A 49 -6.35 -17.27 -17.01
CA TYR A 49 -5.79 -16.04 -17.52
C TYR A 49 -5.40 -16.20 -18.99
N ASN A 50 -5.71 -15.22 -19.79
CA ASN A 50 -5.54 -15.35 -21.23
C ASN A 50 -4.14 -14.91 -21.64
N THR A 51 -3.19 -15.84 -21.55
CA THR A 51 -1.78 -15.51 -21.85
C THR A 51 -1.55 -15.17 -23.33
N LYS A 52 -2.48 -15.55 -24.20
CA LYS A 52 -2.34 -15.25 -25.62
C LYS A 52 -2.70 -13.81 -25.89
N LYS A 53 -3.80 -13.34 -25.32
CA LYS A 53 -4.23 -11.97 -25.47
C LYS A 53 -3.33 -10.98 -24.74
N ALA A 54 -2.76 -11.38 -23.60
CA ALA A 54 -1.94 -10.49 -22.77
C ALA A 54 -0.74 -11.29 -22.25
N PRO A 55 0.31 -11.43 -23.06
CA PRO A 55 1.48 -12.19 -22.66
C PRO A 55 2.07 -11.66 -21.38
N LEU A 56 2.56 -12.60 -20.56
CA LEU A 56 3.14 -12.28 -19.28
C LEU A 56 4.35 -11.33 -19.41
N GLY A 57 5.13 -11.43 -20.48
CA GLY A 57 6.26 -10.54 -20.73
C GLY A 57 5.91 -9.07 -20.87
N LYS A 58 4.63 -8.77 -21.11
CA LYS A 58 4.13 -7.40 -21.26
C LYS A 58 3.29 -6.91 -20.06
N LEU A 59 3.01 -7.81 -19.13
CA LEU A 59 2.36 -7.49 -17.85
C LEU A 59 3.13 -6.39 -17.09
N THR A 60 2.42 -5.35 -16.65
CA THR A 60 3.01 -4.26 -15.88
C THR A 60 2.36 -4.15 -14.52
N VAL A 61 3.06 -3.54 -13.56
CA VAL A 61 2.48 -3.31 -12.24
C VAL A 61 1.23 -2.38 -12.30
N ALA A 62 1.22 -1.44 -13.24
CA ALA A 62 0.04 -0.58 -13.40
C ALA A 62 -1.16 -1.42 -13.87
N GLN A 63 -0.96 -2.36 -14.79
CA GLN A 63 -2.07 -3.23 -15.20
C GLN A 63 -2.65 -4.01 -14.01
N ILE A 64 -1.76 -4.52 -13.18
CA ILE A 64 -2.16 -5.33 -12.04
C ILE A 64 -2.90 -4.46 -11.03
N LYS A 65 -2.41 -3.25 -10.81
CA LYS A 65 -3.08 -2.33 -9.89
C LYS A 65 -4.48 -1.97 -10.39
N ALA A 66 -4.61 -1.77 -11.69
CA ALA A 66 -5.90 -1.50 -12.31
C ALA A 66 -6.86 -2.65 -12.05
N GLY A 67 -6.32 -3.86 -12.11
CA GLY A 67 -7.08 -5.05 -11.81
C GLY A 67 -7.66 -5.04 -10.43
N TYR A 68 -6.80 -4.74 -9.44
CA TYR A 68 -7.28 -4.66 -8.07
C TYR A 68 -8.37 -3.60 -7.92
N GLN A 69 -8.18 -2.47 -8.58
CA GLN A 69 -9.19 -1.42 -8.53
C GLN A 69 -10.54 -1.89 -9.03
N SER A 70 -10.55 -2.68 -10.11
CA SER A 70 -11.82 -3.19 -10.60
C SER A 70 -12.45 -4.24 -9.66
N LEU A 71 -11.62 -5.05 -9.02
CA LEU A 71 -12.10 -5.95 -8.00
C LEU A 71 -12.73 -5.21 -6.82
N LYS A 72 -12.16 -4.06 -6.46
CA LYS A 72 -12.70 -3.21 -5.40
C LYS A 72 -14.09 -2.69 -5.81
N LYS A 73 -14.24 -2.34 -7.08
CA LYS A 73 -15.54 -1.90 -7.62
C LYS A 73 -16.57 -3.00 -7.54
N ILE A 74 -16.12 -4.22 -7.85
CA ILE A 74 -16.98 -5.38 -7.70
C ILE A 74 -17.41 -5.54 -6.24
N GLU A 75 -16.46 -5.45 -5.32
CA GLU A 75 -16.75 -5.52 -3.90
C GLU A 75 -17.78 -4.46 -3.49
N ASP A 76 -17.62 -3.23 -3.98
CA ASP A 76 -18.61 -2.16 -3.71
C ASP A 76 -20.02 -2.57 -4.16
N CYS A 77 -20.15 -3.13 -5.36
CA CYS A 77 -21.45 -3.59 -5.88
C CYS A 77 -22.09 -4.65 -5.00
N ILE A 78 -21.28 -5.62 -4.59
CA ILE A 78 -21.74 -6.69 -3.75
C ILE A 78 -22.22 -6.09 -2.42
N ARG A 79 -21.42 -5.21 -1.84
CA ARG A 79 -21.75 -4.53 -0.57
C ARG A 79 -23.09 -3.73 -0.63
N ALA A 80 -23.34 -3.08 -1.76
CA ALA A 80 -24.57 -2.28 -1.96
C ALA A 80 -25.72 -3.11 -2.48
N GLY A 81 -25.52 -4.39 -2.75
CA GLY A 81 -26.62 -5.28 -3.16
C GLY A 81 -27.04 -5.07 -4.61
N GLN A 82 -26.05 -4.91 -5.48
CA GLN A 82 -26.30 -4.75 -6.90
C GLN A 82 -25.75 -6.01 -7.53
N HIS A 83 -26.66 -6.92 -7.91
CA HIS A 83 -26.32 -8.27 -8.31
C HIS A 83 -26.73 -8.58 -9.76
N GLY A 84 -27.26 -7.57 -10.45
CA GLY A 84 -27.68 -7.73 -11.84
C GLY A 84 -26.75 -6.98 -12.78
N ARG A 85 -27.28 -5.98 -13.48
CA ARG A 85 -26.54 -5.28 -14.52
C ARG A 85 -25.21 -4.62 -14.07
N ALA A 86 -25.24 -3.95 -12.91
CA ALA A 86 -24.05 -3.23 -12.42
C ALA A 86 -22.90 -4.20 -12.10
N LEU A 87 -23.21 -5.31 -11.43
CA LEU A 87 -22.25 -6.40 -11.16
C LEU A 87 -21.72 -7.04 -12.45
N MET A 88 -22.59 -7.40 -13.40
CA MET A 88 -22.09 -7.91 -14.70
C MET A 88 -21.25 -6.84 -15.43
N GLU A 89 -21.62 -5.54 -15.33
CA GLU A 89 -20.75 -4.47 -15.89
C GLU A 89 -19.39 -4.47 -15.25
N ALA A 90 -19.36 -4.55 -13.93
CA ALA A 90 -18.12 -4.41 -13.18
C ALA A 90 -17.24 -5.63 -13.39
N CYS A 91 -17.85 -6.82 -13.51
CA CYS A 91 -17.10 -8.03 -13.82
C CYS A 91 -16.50 -7.93 -15.23
N ASN A 92 -17.28 -7.50 -16.21
CA ASN A 92 -16.76 -7.30 -17.58
C ASN A 92 -15.55 -6.35 -17.62
N GLU A 93 -15.59 -5.23 -16.89
CA GLU A 93 -14.43 -4.32 -16.87
C GLU A 93 -13.18 -4.95 -16.21
N PHE A 94 -13.37 -5.70 -15.13
CA PHE A 94 -12.23 -6.45 -14.55
C PHE A 94 -11.65 -7.32 -15.66
N TYR A 95 -12.53 -8.05 -16.35
CA TYR A 95 -12.12 -9.00 -17.38
C TYR A 95 -11.44 -8.33 -18.60
N THR A 96 -11.74 -7.05 -18.83
CA THR A 96 -11.05 -6.24 -19.84
C THR A 96 -9.63 -5.90 -19.37
N ARG A 97 -9.47 -5.59 -18.09
CA ARG A 97 -8.15 -5.26 -17.55
C ARG A 97 -7.26 -6.48 -17.35
N ILE A 98 -7.86 -7.58 -16.94
CA ILE A 98 -7.16 -8.81 -16.66
C ILE A 98 -7.84 -9.88 -17.53
N PRO A 99 -7.44 -9.97 -18.82
CA PRO A 99 -8.12 -10.83 -19.77
C PRO A 99 -8.12 -12.28 -19.36
N HIS A 100 -9.30 -12.89 -19.47
CA HIS A 100 -9.49 -14.28 -19.12
C HIS A 100 -9.82 -15.08 -20.40
N ASP A 101 -9.65 -16.39 -20.35
CA ASP A 101 -10.07 -17.26 -21.43
C ASP A 101 -11.21 -18.15 -20.95
N PHE A 102 -12.45 -17.74 -21.24
CA PHE A 102 -13.63 -18.56 -20.91
C PHE A 102 -14.17 -19.28 -22.14
N GLY A 103 -13.39 -19.31 -23.21
CA GLY A 103 -13.82 -19.92 -24.47
C GLY A 103 -15.13 -19.29 -24.96
N LEU A 104 -16.13 -20.13 -25.17
CA LEU A 104 -17.41 -19.67 -25.73
C LEU A 104 -18.48 -19.38 -24.67
N ARG A 105 -18.16 -19.57 -23.40
CA ARG A 105 -19.22 -19.42 -22.39
C ARG A 105 -19.30 -18.00 -21.83
N THR A 106 -20.45 -17.68 -21.29
CA THR A 106 -20.69 -16.36 -20.70
C THR A 106 -19.64 -16.11 -19.62
N PRO A 107 -18.88 -15.00 -19.72
CA PRO A 107 -17.96 -14.76 -18.60
C PRO A 107 -18.68 -14.68 -17.26
N PRO A 108 -18.29 -15.52 -16.30
CA PRO A 108 -19.10 -15.66 -15.09
C PRO A 108 -18.97 -14.51 -14.13
N LEU A 109 -20.06 -14.23 -13.41
CA LEU A 109 -20.06 -13.19 -12.40
C LEU A 109 -19.17 -13.55 -11.23
N ILE A 110 -18.67 -12.51 -10.59
CA ILE A 110 -17.91 -12.65 -9.37
C ILE A 110 -18.87 -12.12 -8.30
N ARG A 111 -19.36 -13.01 -7.46
CA ARG A 111 -20.41 -12.68 -6.51
C ARG A 111 -20.08 -13.04 -5.07
N THR A 112 -19.29 -14.07 -4.86
CA THR A 112 -19.03 -14.55 -3.50
C THR A 112 -17.63 -14.14 -3.03
N GLN A 113 -17.45 -14.17 -1.71
CA GLN A 113 -16.14 -14.00 -1.11
C GLN A 113 -15.14 -14.93 -1.77
N LYS A 114 -15.55 -16.17 -1.96
CA LYS A 114 -14.69 -17.15 -2.58
C LYS A 114 -14.24 -16.70 -3.99
N GLU A 115 -15.18 -16.21 -4.79
CA GLU A 115 -14.92 -15.85 -6.19
C GLU A 115 -14.00 -14.64 -6.27
N LEU A 116 -14.22 -13.70 -5.35
CA LEU A 116 -13.40 -12.53 -5.21
C LEU A 116 -11.96 -12.93 -4.76
N SER A 117 -11.87 -13.78 -3.75
CA SER A 117 -10.61 -14.32 -3.31
C SER A 117 -9.81 -15.00 -4.43
N GLU A 118 -10.50 -15.78 -5.26
CA GLU A 118 -9.86 -16.46 -6.39
C GLU A 118 -9.21 -15.48 -7.36
N LYS A 119 -9.90 -14.37 -7.62
CA LYS A 119 -9.38 -13.31 -8.48
C LYS A 119 -8.19 -12.58 -7.85
N ILE A 120 -8.23 -12.39 -6.53
CA ILE A 120 -7.13 -11.80 -5.81
C ILE A 120 -5.90 -12.70 -5.92
N GLN A 121 -6.10 -14.00 -5.77
CA GLN A 121 -5.01 -14.94 -5.89
C GLN A 121 -4.40 -14.94 -7.28
N LEU A 122 -5.24 -14.76 -8.28
CA LEU A 122 -4.78 -14.63 -9.64
C LEU A 122 -3.84 -13.39 -9.75
N LEU A 123 -4.29 -12.24 -9.25
CA LEU A 123 -3.52 -11.01 -9.31
C LEU A 123 -2.24 -11.10 -8.44
N GLU A 124 -2.31 -11.74 -7.28
CA GLU A 124 -1.11 -11.97 -6.48
C GLU A 124 -0.04 -12.77 -7.23
N ALA A 125 -0.45 -13.82 -7.94
CA ALA A 125 0.48 -14.58 -8.76
C ALA A 125 1.06 -13.76 -9.93
N LEU A 126 0.19 -13.03 -10.64
CA LEU A 126 0.64 -12.16 -11.70
C LEU A 126 1.68 -11.16 -11.21
N GLY A 127 1.48 -10.63 -9.99
CA GLY A 127 2.43 -9.69 -9.40
C GLY A 127 3.79 -10.34 -9.20
N ASP A 128 3.80 -11.55 -8.68
CA ASP A 128 5.03 -12.30 -8.51
C ASP A 128 5.66 -12.73 -9.83
N ILE A 129 4.84 -13.01 -10.84
CA ILE A 129 5.35 -13.31 -12.17
C ILE A 129 6.00 -12.06 -12.82
N GLU A 130 5.36 -10.89 -12.71
CA GLU A 130 5.98 -9.62 -13.17
C GLU A 130 7.39 -9.44 -12.57
N ILE A 131 7.50 -9.66 -11.26
CA ILE A 131 8.78 -9.66 -10.55
C ILE A 131 9.77 -10.66 -11.13
N ALA A 132 9.34 -11.92 -11.26
CA ALA A 132 10.17 -12.98 -11.81
C ALA A 132 10.73 -12.71 -13.23
N ILE A 133 9.87 -12.23 -14.13
CA ILE A 133 10.27 -11.98 -15.51
C ILE A 133 11.36 -10.92 -15.58
N LYS A 134 11.27 -9.88 -14.74
CA LYS A 134 12.33 -8.84 -14.68
C LYS A 134 13.61 -9.45 -14.09
N LEU A 135 13.44 -10.19 -13.00
CA LEU A 135 14.56 -10.75 -12.28
C LEU A 135 15.37 -11.72 -13.14
N VAL A 136 14.71 -12.52 -13.96
CA VAL A 136 15.35 -13.56 -14.77
CA VAL A 136 15.41 -13.54 -14.72
C VAL A 136 16.06 -13.02 -16.02
N LYS A 137 15.89 -11.74 -16.31
CA LYS A 137 16.59 -11.14 -17.48
C LYS A 137 18.11 -11.25 -17.28
N THR A 138 18.80 -11.69 -18.32
CA THR A 138 20.23 -11.92 -18.26
C THR A 138 21.01 -10.93 -19.11
N GLU A 139 22.26 -10.65 -18.69
CA GLU A 139 23.20 -9.94 -19.56
C GLU A 139 23.81 -10.99 -20.45
N LEU A 140 23.50 -10.92 -21.73
CA LEU A 140 23.93 -11.95 -22.67
C LEU A 140 25.47 -12.15 -22.75
N GLN A 141 26.23 -11.05 -22.77
CA GLN A 141 27.70 -11.14 -22.84
C GLN A 141 28.38 -11.30 -21.46
N SER A 142 27.60 -11.53 -20.41
CA SER A 142 28.19 -11.72 -19.08
C SER A 142 28.90 -13.07 -18.94
N PRO A 143 30.03 -13.09 -18.22
CA PRO A 143 30.67 -14.40 -18.00
C PRO A 143 29.95 -15.26 -16.96
N GLU A 144 29.11 -14.65 -16.13
CA GLU A 144 28.36 -15.37 -15.09
C GLU A 144 27.33 -16.30 -15.72
N HIS A 145 27.27 -17.53 -15.23
CA HIS A 145 26.18 -18.45 -15.54
C HIS A 145 24.81 -17.76 -15.24
N PRO A 146 23.82 -17.96 -16.11
CA PRO A 146 22.48 -17.40 -15.88
C PRO A 146 21.88 -17.72 -14.51
N LEU A 147 22.08 -18.94 -14.04
CA LEU A 147 21.58 -19.30 -12.71
C LEU A 147 22.19 -18.47 -11.60
N ASP A 148 23.51 -18.18 -11.67
CA ASP A 148 24.17 -17.28 -10.71
C ASP A 148 23.59 -15.88 -10.79
N GLN A 149 23.30 -15.42 -12.00
CA GLN A 149 22.68 -14.12 -12.17
C GLN A 149 21.29 -14.12 -11.49
N HIS A 150 20.48 -15.14 -11.76
CA HIS A 150 19.16 -15.21 -11.09
C HIS A 150 19.31 -15.22 -9.56
N TYR A 151 20.18 -16.08 -9.05
CA TYR A 151 20.36 -16.27 -7.61
C TYR A 151 20.74 -14.99 -6.90
N ARG A 152 21.74 -14.30 -7.42
CA ARG A 152 22.17 -12.99 -6.88
C ARG A 152 21.03 -11.98 -6.79
N ASN A 153 20.19 -11.92 -7.83
CA ASN A 153 19.07 -10.99 -7.86
C ASN A 153 18.01 -11.31 -6.83
N LEU A 154 18.05 -12.51 -6.26
CA LEU A 154 17.13 -12.82 -5.17
C LEU A 154 17.48 -12.06 -3.91
N HIS A 155 18.77 -11.74 -3.71
CA HIS A 155 19.22 -11.14 -2.46
C HIS A 155 18.76 -11.98 -1.29
N CYS A 156 19.01 -13.28 -1.43
CA CYS A 156 18.53 -14.29 -0.49
C CYS A 156 19.39 -15.54 -0.58
N ALA A 157 20.09 -15.86 0.51
CA ALA A 157 20.90 -17.05 0.58
C ALA A 157 20.00 -18.28 0.65
N LEU A 158 20.35 -19.30 -0.12
CA LEU A 158 19.72 -20.62 -0.09
C LEU A 158 20.85 -21.65 0.03
N ARG A 159 20.91 -22.36 1.16
CA ARG A 159 21.98 -23.33 1.43
C ARG A 159 21.42 -24.73 1.70
N PRO A 160 21.80 -25.70 0.87
CA PRO A 160 21.25 -27.04 1.11
C PRO A 160 21.70 -27.62 2.44
N LEU A 161 20.80 -28.30 3.12
CA LEU A 161 21.09 -28.92 4.42
C LEU A 161 21.30 -30.42 4.29
N ASP A 162 22.08 -30.96 5.19
CA ASP A 162 22.42 -32.37 5.18
C ASP A 162 21.20 -33.15 5.65
N HIS A 163 20.76 -34.12 4.86
CA HIS A 163 19.63 -34.97 5.22
C HIS A 163 19.84 -35.88 6.45
N GLU A 164 21.08 -36.07 6.90
CA GLU A 164 21.34 -36.77 8.16
C GLU A 164 21.44 -35.79 9.35
N SER A 165 21.04 -34.53 9.17
CA SER A 165 21.17 -33.55 10.25
C SER A 165 19.95 -33.54 11.17
N TYR A 166 20.15 -33.12 12.42
CA TYR A 166 19.04 -32.92 13.36
C TYR A 166 17.97 -31.98 12.79
N GLU A 167 18.40 -30.85 12.24
CA GLU A 167 17.47 -29.88 11.61
CA GLU A 167 17.46 -29.88 11.60
C GLU A 167 16.56 -30.58 10.60
N PHE A 168 17.15 -31.36 9.70
CA PHE A 168 16.37 -32.11 8.73
C PHE A 168 15.40 -33.07 9.42
N LYS A 169 15.84 -33.74 10.48
CA LYS A 169 14.94 -34.66 11.16
C LYS A 169 13.74 -33.95 11.83
N VAL A 170 13.99 -32.84 12.51
CA VAL A 170 12.92 -32.13 13.23
C VAL A 170 11.92 -31.54 12.24
N ILE A 171 12.44 -30.95 11.18
CA ILE A 171 11.59 -30.40 10.13
C ILE A 171 10.77 -31.50 9.44
N SER A 172 11.38 -32.67 9.21
CA SER A 172 10.62 -33.79 8.65
C SER A 172 9.52 -34.22 9.59
N GLN A 173 9.82 -34.31 10.88
CA GLN A 173 8.76 -34.61 11.86
C GLN A 173 7.68 -33.55 11.92
N TYR A 174 8.07 -32.28 11.80
CA TYR A 174 7.08 -31.20 11.82
C TYR A 174 6.15 -31.35 10.62
N LEU A 175 6.72 -31.60 9.46
CA LEU A 175 5.96 -31.79 8.24
C LEU A 175 4.92 -32.92 8.36
N GLN A 176 5.37 -34.07 8.86
CA GLN A 176 4.52 -35.28 8.88
C GLN A 176 3.54 -35.23 10.05
N SER A 177 4.01 -34.84 11.22
CA SER A 177 3.21 -34.83 12.45
C SER A 177 2.08 -33.79 12.45
N THR A 178 2.23 -32.72 11.64
CA THR A 178 1.17 -31.71 11.51
C THR A 178 0.43 -31.78 10.16
N HIS A 179 0.59 -32.87 9.43
CA HIS A 179 -0.26 -33.09 8.29
C HIS A 179 -1.65 -33.36 8.86
N ALA A 180 -2.62 -32.51 8.50
CA ALA A 180 -3.94 -32.57 9.12
C ALA A 180 -4.78 -33.78 8.69
N PRO A 181 -5.65 -34.28 9.60
CA PRO A 181 -6.51 -35.43 9.25
C PRO A 181 -7.48 -35.12 8.12
N THR A 182 -7.99 -33.89 8.04
CA THR A 182 -8.94 -33.60 6.97
C THR A 182 -8.28 -33.35 5.61
N HIS A 183 -6.95 -33.30 5.54
CA HIS A 183 -6.26 -33.11 4.25
C HIS A 183 -5.69 -34.42 3.71
N SER A 184 -6.56 -35.42 3.57
CA SER A 184 -6.14 -36.84 3.34
C SER A 184 -6.02 -37.24 1.88
N ASP A 185 -6.23 -36.27 1.00
CA ASP A 185 -6.13 -36.50 -0.43
C ASP A 185 -4.68 -36.64 -0.90
N TYR A 186 -3.72 -36.40 -0.03
CA TYR A 186 -2.31 -36.62 -0.36
C TYR A 186 -1.53 -36.81 0.91
N THR A 187 -0.35 -37.38 0.73
CA THR A 187 0.74 -37.31 1.69
C THR A 187 1.89 -36.55 1.02
N MET A 188 2.88 -36.19 1.83
CA MET A 188 4.01 -35.37 1.37
C MET A 188 5.33 -36.11 1.63
N THR A 189 6.27 -35.98 0.71
CA THR A 189 7.61 -36.57 0.87
C THR A 189 8.61 -35.43 0.74
N LEU A 190 9.45 -35.24 1.77
CA LEU A 190 10.41 -34.17 1.74
C LEU A 190 11.53 -34.58 0.83
N LEU A 191 11.63 -33.93 -0.32
CA LEU A 191 12.72 -34.20 -1.26
C LEU A 191 14.04 -33.52 -0.93
N ASP A 192 14.00 -32.28 -0.48
CA ASP A 192 15.22 -31.55 -0.10
C ASP A 192 14.86 -30.38 0.82
N LEU A 193 15.87 -29.80 1.44
CA LEU A 193 15.67 -28.78 2.46
C LEU A 193 16.78 -27.75 2.33
N PHE A 194 16.38 -26.48 2.29
CA PHE A 194 17.36 -25.39 2.19
C PHE A 194 17.18 -24.44 3.35
N GLU A 195 18.29 -23.96 3.90
CA GLU A 195 18.28 -22.85 4.84
C GLU A 195 18.06 -21.56 4.06
N VAL A 196 17.22 -20.66 4.56
CA VAL A 196 16.97 -19.37 3.91
C VAL A 196 17.52 -18.25 4.79
N GLU A 197 18.32 -17.35 4.18
CA GLU A 197 18.80 -16.14 4.83
C GLU A 197 18.62 -14.96 3.87
N LYS A 198 17.46 -14.32 4.03
CA LYS A 198 17.09 -13.19 3.22
C LYS A 198 17.81 -11.91 3.74
N ASP A 199 18.55 -11.24 2.86
CA ASP A 199 19.29 -9.99 3.19
C ASP A 199 18.40 -9.02 3.94
N GLY A 200 18.79 -8.60 5.13
CA GLY A 200 18.04 -7.57 5.87
C GLY A 200 17.08 -8.06 6.93
N GLU A 201 16.65 -9.32 6.83
CA GLU A 201 15.62 -9.82 7.73
C GLU A 201 16.10 -10.02 9.14
N LYS A 202 17.33 -10.45 9.31
CA LYS A 202 17.84 -10.73 10.64
C LYS A 202 17.89 -9.45 11.47
N GLU A 203 18.34 -8.37 10.85
CA GLU A 203 18.44 -7.05 11.50
C GLU A 203 17.08 -6.39 11.76
N ALA A 204 16.15 -6.58 10.83
CA ALA A 204 14.83 -5.99 10.94
C ALA A 204 13.91 -6.70 11.93
N PHE A 205 14.21 -7.96 12.24
CA PHE A 205 13.26 -8.84 12.92
C PHE A 205 12.94 -8.41 14.34
N ARG A 206 11.68 -8.50 14.72
CA ARG A 206 11.25 -8.22 16.12
C ARG A 206 11.65 -9.32 17.11
N GLU A 207 12.95 -9.42 17.34
CA GLU A 207 13.51 -10.35 18.31
C GLU A 207 12.98 -10.13 19.72
N ASP A 208 12.53 -8.93 20.02
CA ASP A 208 12.08 -8.57 21.36
C ASP A 208 10.75 -9.20 21.72
N LEU A 209 9.93 -9.55 20.72
CA LEU A 209 8.59 -10.01 21.00
C LEU A 209 8.62 -11.43 21.50
N HIS A 210 7.70 -11.75 22.37
CA HIS A 210 7.60 -13.11 22.91
C HIS A 210 6.77 -13.96 21.94
N ASN A 211 6.62 -15.25 22.25
CA ASN A 211 5.78 -16.14 21.45
CA ASN A 211 5.82 -16.19 21.44
C ASN A 211 6.30 -16.25 20.01
N ARG A 212 7.61 -16.46 19.86
CA ARG A 212 8.22 -16.64 18.58
C ARG A 212 8.10 -18.11 18.17
N MET A 213 7.36 -18.37 17.08
CA MET A 213 7.04 -19.71 16.59
C MET A 213 7.57 -19.93 15.15
N LEU A 214 7.98 -21.16 14.85
CA LEU A 214 8.40 -21.55 13.51
C LEU A 214 7.13 -22.06 12.82
N LEU A 215 6.69 -21.31 11.82
CA LEU A 215 5.41 -21.56 11.21
C LEU A 215 5.46 -21.70 9.69
N TRP A 216 4.42 -22.34 9.17
CA TRP A 216 4.33 -22.68 7.74
C TRP A 216 3.74 -21.59 6.88
N HIS A 217 4.14 -21.59 5.61
CA HIS A 217 3.50 -20.78 4.56
C HIS A 217 3.68 -21.50 3.21
N GLY A 218 2.57 -21.75 2.52
CA GLY A 218 2.58 -22.32 1.19
C GLY A 218 2.14 -21.30 0.15
N SER A 219 2.61 -21.46 -1.08
CA SER A 219 2.18 -20.60 -2.17
C SER A 219 2.39 -21.36 -3.45
N ARG A 220 1.77 -20.87 -4.51
CA ARG A 220 1.92 -21.43 -5.84
C ARG A 220 3.35 -21.32 -6.30
N MET A 221 3.71 -22.21 -7.21
CA MET A 221 5.10 -22.34 -7.66
C MET A 221 5.58 -21.11 -8.39
N SER A 222 4.63 -20.34 -8.93
CA SER A 222 4.89 -19.12 -9.65
C SER A 222 5.32 -17.98 -8.75
N ASN A 223 5.12 -18.13 -7.44
CA ASN A 223 5.31 -17.03 -6.53
C ASN A 223 6.64 -16.96 -5.78
N TRP A 224 7.45 -18.02 -5.87
CA TRP A 224 8.64 -18.12 -5.01
C TRP A 224 9.73 -17.13 -5.32
N VAL A 225 9.90 -16.75 -6.58
CA VAL A 225 10.91 -15.74 -6.93
C VAL A 225 10.53 -14.43 -6.31
N GLY A 226 9.25 -14.06 -6.38
CA GLY A 226 8.75 -12.87 -5.68
C GLY A 226 8.93 -12.94 -4.17
N ILE A 227 8.58 -14.08 -3.61
CA ILE A 227 8.65 -14.24 -2.16
C ILE A 227 10.09 -14.18 -1.62
N LEU A 228 10.99 -14.88 -2.29
CA LEU A 228 12.39 -14.89 -1.87
C LEU A 228 13.09 -13.55 -2.14
N SER A 229 12.71 -12.88 -3.22
CA SER A 229 13.36 -11.63 -3.61
C SER A 229 12.83 -10.43 -2.83
N HIS A 230 11.54 -10.45 -2.50
CA HIS A 230 10.90 -9.35 -1.77
C HIS A 230 10.49 -9.65 -0.32
N GLY A 231 10.61 -10.91 0.07
CA GLY A 231 10.08 -11.34 1.36
C GLY A 231 8.59 -11.56 1.26
N LEU A 232 8.02 -12.19 2.26
CA LEU A 232 6.56 -12.25 2.37
C LEU A 232 6.05 -10.80 2.57
N ARG A 233 4.98 -10.45 1.85
CA ARG A 233 4.42 -9.10 1.85
C ARG A 233 2.94 -9.14 2.24
N ILE A 234 2.44 -8.03 2.79
CA ILE A 234 1.01 -7.93 3.04
C ILE A 234 0.33 -7.68 1.67
N ALA A 235 -0.97 -7.86 1.63
CA ALA A 235 -1.76 -7.63 0.40
C ALA A 235 -1.63 -6.22 -0.19
N HIS A 236 -1.78 -6.15 -1.51
CA HIS A 236 -1.83 -4.90 -2.19
C HIS A 236 -2.86 -3.95 -1.52
N PRO A 237 -2.50 -2.66 -1.33
CA PRO A 237 -3.42 -1.67 -0.75
C PRO A 237 -4.77 -1.49 -1.47
N GLU A 238 -4.81 -1.65 -2.78
CA GLU A 238 -6.08 -1.52 -3.52
C GLU A 238 -6.91 -2.80 -3.54
N ALA A 239 -6.35 -3.92 -3.08
CA ALA A 239 -7.10 -5.17 -3.00
C ALA A 239 -8.33 -5.04 -2.10
N PRO A 240 -9.42 -5.72 -2.47
CA PRO A 240 -10.64 -5.79 -1.64
C PRO A 240 -10.37 -6.37 -0.29
N ILE A 241 -10.81 -5.69 0.78
CA ILE A 241 -10.54 -6.19 2.12
C ILE A 241 -11.23 -7.53 2.35
N THR A 242 -12.37 -7.73 1.70
CA THR A 242 -13.12 -8.98 1.88
C THR A 242 -12.38 -10.19 1.36
N GLY A 243 -11.28 -9.98 0.63
CA GLY A 243 -10.46 -11.09 0.20
C GLY A 243 -9.70 -11.80 1.31
N TYR A 244 -9.71 -11.23 2.52
CA TYR A 244 -8.79 -11.62 3.60
C TYR A 244 -9.55 -11.89 4.90
N MET A 245 -9.58 -13.14 5.32
CA MET A 245 -10.35 -13.57 6.48
C MET A 245 -10.07 -12.75 7.74
N PHE A 246 -8.80 -12.36 7.93
CA PHE A 246 -8.37 -11.55 9.04
C PHE A 246 -7.59 -10.29 8.63
N GLY A 247 -7.92 -9.76 7.45
CA GLY A 247 -7.31 -8.52 6.96
C GLY A 247 -5.96 -8.73 6.30
N LYS A 248 -5.32 -7.63 5.98
CA LYS A 248 -4.17 -7.64 5.08
C LYS A 248 -2.87 -7.80 5.86
N GLY A 249 -2.68 -9.03 6.36
CA GLY A 249 -1.47 -9.47 7.00
C GLY A 249 -0.77 -10.59 6.21
N ILE A 250 0.23 -11.18 6.84
CA ILE A 250 0.96 -12.32 6.30
C ILE A 250 0.46 -13.52 7.10
N TYR A 251 -0.02 -14.55 6.37
CA TYR A 251 -0.72 -15.69 6.97
C TYR A 251 0.17 -16.89 7.13
N PHE A 252 0.08 -17.54 8.29
CA PHE A 252 0.86 -18.70 8.65
C PHE A 252 -0.01 -19.79 9.32
N ALA A 253 0.35 -21.06 9.12
CA ALA A 253 -0.34 -22.19 9.81
C ALA A 253 0.64 -22.98 10.70
N ASP A 254 0.10 -23.67 11.71
CA ASP A 254 0.91 -24.62 12.49
C ASP A 254 0.69 -26.05 12.00
N MET A 255 -0.14 -26.20 10.98
CA MET A 255 -0.40 -27.50 10.36
C MET A 255 0.12 -27.46 8.94
N SER A 256 1.13 -28.28 8.67
CA SER A 256 1.86 -28.29 7.39
C SER A 256 0.92 -28.32 6.18
N SER A 257 -0.14 -29.11 6.26
CA SER A 257 -0.97 -29.36 5.10
C SER A 257 -1.97 -28.22 4.87
N LYS A 258 -2.33 -27.48 5.91
CA LYS A 258 -3.14 -26.28 5.71
C LYS A 258 -2.41 -25.32 4.76
N SER A 259 -1.11 -25.17 4.99
CA SER A 259 -0.31 -24.31 4.11
C SER A 259 -0.05 -24.98 2.78
N ALA A 260 0.26 -26.27 2.81
CA ALA A 260 0.53 -27.03 1.61
C ALA A 260 -0.61 -27.03 0.65
N ASN A 261 -1.84 -26.95 1.16
CA ASN A 261 -2.99 -26.79 0.26
C ASN A 261 -2.83 -25.55 -0.65
N TYR A 262 -2.18 -24.51 -0.14
CA TYR A 262 -1.98 -23.27 -0.94
C TYR A 262 -0.85 -23.35 -1.95
N CYS A 263 -0.21 -24.52 -2.05
CA CYS A 263 0.74 -24.78 -3.10
C CYS A 263 0.01 -25.07 -4.40
N PHE A 264 -1.23 -25.55 -4.27
CA PHE A 264 -2.04 -25.96 -5.41
C PHE A 264 -1.29 -26.93 -6.30
N ALA A 265 -0.54 -27.85 -5.67
CA ALA A 265 0.07 -28.97 -6.38
C ALA A 265 -1.04 -29.91 -6.88
N SER A 266 -0.67 -30.83 -7.75
CA SER A 266 -1.65 -31.80 -8.23
C SER A 266 -0.94 -33.02 -8.74
N ARG A 267 -1.71 -34.04 -9.06
CA ARG A 267 -1.19 -35.24 -9.70
C ARG A 267 -0.41 -34.90 -10.96
N LEU A 268 -0.84 -33.90 -11.73
CA LEU A 268 -0.06 -33.45 -12.90
C LEU A 268 1.26 -32.76 -12.51
N LYS A 269 1.21 -31.89 -11.51
CA LYS A 269 2.41 -31.11 -11.10
C LYS A 269 2.59 -31.35 -9.63
N ASN A 270 3.29 -32.42 -9.31
CA ASN A 270 3.31 -32.91 -7.95
C ASN A 270 4.46 -32.42 -7.09
N THR A 271 5.24 -31.46 -7.59
CA THR A 271 6.32 -30.86 -6.79
C THR A 271 5.95 -29.44 -6.35
N GLY A 272 6.01 -29.20 -5.04
CA GLY A 272 5.76 -27.89 -4.47
C GLY A 272 6.79 -27.51 -3.43
N LEU A 273 6.74 -26.24 -3.02
CA LEU A 273 7.61 -25.77 -1.96
C LEU A 273 6.81 -25.32 -0.78
N LEU A 274 7.40 -25.48 0.40
CA LEU A 274 6.84 -24.99 1.64
C LEU A 274 7.89 -24.22 2.36
N LEU A 275 7.45 -23.10 2.96
CA LEU A 275 8.34 -22.22 3.66
C LEU A 275 8.13 -22.26 5.16
N LEU A 276 9.20 -22.35 5.92
CA LEU A 276 9.17 -22.14 7.37
C LEU A 276 9.85 -20.83 7.74
N SER A 277 9.18 -20.08 8.60
CA SER A 277 9.61 -18.76 9.02
C SER A 277 9.47 -18.66 10.53
N GLU A 278 10.39 -17.93 11.14
CA GLU A 278 10.23 -17.53 12.50
C GLU A 278 9.27 -16.35 12.51
N VAL A 279 8.22 -16.46 13.31
CA VAL A 279 7.17 -15.45 13.35
C VAL A 279 7.07 -14.89 14.75
N ALA A 280 7.32 -13.58 14.87
CA ALA A 280 7.24 -12.90 16.13
C ALA A 280 5.80 -12.50 16.44
N LEU A 281 5.08 -13.42 17.09
CA LEU A 281 3.64 -13.26 17.34
C LEU A 281 3.33 -12.24 18.42
N GLY A 282 4.21 -12.07 19.39
CA GLY A 282 3.88 -11.18 20.49
C GLY A 282 2.61 -11.65 21.16
N GLN A 283 1.76 -10.71 21.55
CA GLN A 283 0.45 -11.04 22.12
C GLN A 283 -0.53 -11.19 20.98
N CYS A 284 -1.15 -12.37 20.88
CA CYS A 284 -2.16 -12.62 19.88
C CYS A 284 -3.55 -12.13 20.33
N ASN A 285 -4.25 -11.48 19.41
CA ASN A 285 -5.68 -11.27 19.58
C ASN A 285 -6.39 -12.48 18.98
N GLU A 286 -7.07 -13.25 19.82
CA GLU A 286 -7.62 -14.51 19.38
C GLU A 286 -9.05 -14.31 18.90
N LEU A 287 -9.35 -14.81 17.71
CA LEU A 287 -10.67 -14.64 17.12
C LEU A 287 -11.24 -16.01 16.69
N LEU A 288 -12.56 -16.10 16.72
CA LEU A 288 -13.27 -17.36 16.49
C LEU A 288 -13.88 -17.45 15.13
N GLU A 289 -14.20 -16.32 14.53
CA GLU A 289 -14.70 -16.33 13.16
C GLU A 289 -14.14 -15.17 12.37
N ALA A 290 -14.39 -15.22 11.07
CA ALA A 290 -13.83 -14.28 10.10
C ALA A 290 -14.09 -12.83 10.49
N ASN A 291 -13.09 -12.00 10.28
CA ASN A 291 -13.28 -10.55 10.35
C ASN A 291 -12.20 -9.87 9.56
N PRO A 292 -12.51 -9.45 8.32
CA PRO A 292 -11.54 -8.74 7.50
C PRO A 292 -10.99 -7.49 8.16
N LYS A 293 -11.71 -6.95 9.15
CA LYS A 293 -11.28 -5.71 9.84
C LYS A 293 -10.48 -5.96 11.11
N ALA A 294 -10.02 -7.20 11.26
CA ALA A 294 -9.31 -7.63 12.44
C ALA A 294 -8.10 -6.77 12.75
N GLU A 295 -7.44 -6.18 11.76
CA GLU A 295 -6.22 -5.46 12.05
C GLU A 295 -6.51 -4.30 12.97
N GLY A 296 -7.66 -3.69 12.81
CA GLY A 296 -8.06 -2.54 13.65
C GLY A 296 -8.42 -2.93 15.07
N LEU A 297 -8.59 -4.24 15.31
CA LEU A 297 -8.89 -4.72 16.66
C LEU A 297 -7.66 -5.01 17.53
N LEU A 298 -6.45 -4.94 16.96
CA LEU A 298 -5.28 -5.31 17.74
C LEU A 298 -5.12 -4.44 18.98
N GLN A 299 -5.31 -3.13 18.83
CA GLN A 299 -5.19 -2.17 19.94
C GLN A 299 -3.92 -2.45 20.76
N GLY A 300 -2.78 -2.47 20.05
CA GLY A 300 -1.48 -2.71 20.69
C GLY A 300 -0.97 -4.14 20.72
N LYS A 301 -1.85 -5.14 20.63
CA LYS A 301 -1.41 -6.53 20.46
C LYS A 301 -0.70 -6.67 19.13
N HIS A 302 0.02 -7.77 18.92
CA HIS A 302 0.96 -7.83 17.77
C HIS A 302 0.55 -8.75 16.63
N SER A 303 -0.46 -9.57 16.86
CA SER A 303 -0.85 -10.56 15.85
C SER A 303 -2.30 -10.96 16.06
N THR A 304 -2.91 -11.49 15.02
CA THR A 304 -4.23 -12.11 15.15
C THR A 304 -4.04 -13.61 15.05
N LYS A 305 -4.71 -14.35 15.92
CA LYS A 305 -4.73 -15.80 15.85
C LYS A 305 -6.16 -16.29 15.60
N GLY A 306 -6.39 -16.85 14.42
CA GLY A 306 -7.67 -17.50 14.13
C GLY A 306 -7.66 -18.84 14.84
N LEU A 307 -8.61 -19.07 15.76
CA LEU A 307 -8.60 -20.29 16.61
C LEU A 307 -9.20 -21.46 15.89
N GLY A 308 -8.47 -22.57 15.83
CA GLY A 308 -8.95 -23.80 15.20
C GLY A 308 -9.49 -24.80 16.24
N LYS A 309 -10.23 -25.78 15.75
CA LYS A 309 -10.81 -26.85 16.61
C LYS A 309 -9.76 -27.88 17.00
N MET A 310 -8.72 -28.00 16.17
CA MET A 310 -7.66 -28.97 16.34
C MET A 310 -6.31 -28.29 16.19
N ALA A 311 -5.37 -28.65 17.06
CA ALA A 311 -4.05 -28.01 17.06
C ALA A 311 -3.06 -28.87 17.81
N PRO A 312 -1.77 -28.79 17.45
CA PRO A 312 -0.67 -29.35 18.22
C PRO A 312 -0.77 -28.85 19.67
N SER A 313 -0.30 -29.65 20.64
CA SER A 313 -0.34 -29.23 22.07
C SER A 313 1.06 -29.03 22.60
N SER A 314 1.16 -28.18 23.62
CA SER A 314 2.45 -27.72 24.11
C SER A 314 3.33 -28.83 24.68
N ALA A 315 2.70 -29.94 25.06
CA ALA A 315 3.42 -31.11 25.57
C ALA A 315 4.49 -31.56 24.59
N HIS A 316 4.18 -31.48 23.29
CA HIS A 316 5.03 -32.02 22.24
C HIS A 316 5.94 -30.98 21.54
N PHE A 317 5.96 -29.75 22.03
CA PHE A 317 6.74 -28.70 21.39
C PHE A 317 8.24 -28.90 21.64
N VAL A 318 9.06 -28.60 20.63
CA VAL A 318 10.51 -28.47 20.82
C VAL A 318 10.92 -27.05 20.40
N THR A 319 12.14 -26.66 20.76
CA THR A 319 12.68 -25.35 20.43
C THR A 319 13.78 -25.54 19.40
N LEU A 320 13.79 -24.69 18.39
CA LEU A 320 14.83 -24.75 17.36
C LEU A 320 15.35 -23.33 17.18
N ASN A 321 16.56 -23.13 17.71
CA ASN A 321 17.29 -21.88 17.61
C ASN A 321 16.45 -20.71 18.09
N GLY A 322 15.76 -20.89 19.21
CA GLY A 322 15.05 -19.80 19.85
C GLY A 322 13.62 -19.58 19.39
N SER A 323 13.10 -20.44 18.50
CA SER A 323 11.70 -20.44 18.10
C SER A 323 11.04 -21.76 18.44
N THR A 324 9.76 -21.69 18.83
CA THR A 324 8.99 -22.89 19.15
C THR A 324 8.50 -23.62 17.91
N VAL A 325 8.71 -24.93 17.89
CA VAL A 325 8.23 -25.80 16.82
C VAL A 325 7.08 -26.60 17.38
N PRO A 326 5.86 -26.38 16.88
CA PRO A 326 4.65 -26.97 17.44
C PRO A 326 4.37 -28.34 16.82
N LEU A 327 5.25 -29.29 17.09
CA LEU A 327 5.10 -30.66 16.61
C LEU A 327 3.71 -31.25 16.92
N GLY A 328 3.25 -32.06 15.99
CA GLY A 328 1.98 -32.73 16.14
C GLY A 328 2.11 -33.97 17.00
N PRO A 329 1.04 -34.78 17.09
CA PRO A 329 -0.21 -34.58 16.35
C PRO A 329 -1.12 -33.52 16.94
N ALA A 330 -2.04 -33.05 16.12
CA ALA A 330 -3.08 -32.13 16.51
C ALA A 330 -4.07 -32.85 17.42
N SER A 331 -4.67 -32.12 18.35
CA SER A 331 -5.79 -32.65 19.15
C SER A 331 -6.77 -31.55 19.46
N ASP A 332 -7.93 -31.95 19.97
CA ASP A 332 -9.04 -31.05 20.25
C ASP A 332 -8.62 -29.88 21.12
N THR A 333 -8.96 -28.66 20.71
CA THR A 333 -8.59 -27.47 21.47
C THR A 333 -9.68 -27.02 22.46
N GLY A 334 -10.83 -27.68 22.44
CA GLY A 334 -11.95 -27.29 23.28
C GLY A 334 -12.65 -26.04 22.78
N ILE A 335 -12.34 -25.63 21.54
CA ILE A 335 -12.86 -24.38 20.98
C ILE A 335 -13.95 -24.66 19.95
N LEU A 336 -15.05 -23.93 20.07
CA LEU A 336 -16.23 -24.12 19.23
C LEU A 336 -17.28 -23.03 19.50
N GLY A 340 -21.54 -19.69 14.91
CA GLY A 340 -21.53 -20.25 13.56
C GLY A 340 -20.34 -21.16 13.32
N TYR A 341 -19.96 -21.30 12.04
CA TYR A 341 -18.85 -22.16 11.60
C TYR A 341 -17.52 -21.74 12.22
N THR A 342 -16.66 -22.72 12.45
CA THR A 342 -15.43 -22.50 13.21
C THR A 342 -14.25 -23.13 12.45
N LEU A 343 -13.08 -22.50 12.47
CA LEU A 343 -11.90 -23.03 11.75
C LEU A 343 -11.55 -24.47 12.18
N ASN A 344 -11.13 -25.28 11.22
CA ASN A 344 -10.61 -26.61 11.52
C ASN A 344 -9.27 -26.51 12.22
N TYR A 345 -8.41 -25.60 11.72
CA TYR A 345 -7.06 -25.44 12.22
C TYR A 345 -6.73 -23.96 12.40
N ASN A 346 -5.79 -23.71 13.31
CA ASN A 346 -5.32 -22.37 13.65
C ASN A 346 -4.84 -21.65 12.42
N GLU A 347 -4.86 -20.34 12.46
CA GLU A 347 -4.02 -19.56 11.53
C GLU A 347 -3.56 -18.33 12.26
N TYR A 348 -2.38 -17.86 11.88
CA TYR A 348 -1.71 -16.75 12.53
C TYR A 348 -1.42 -15.66 11.50
N ILE A 349 -1.69 -14.40 11.87
CA ILE A 349 -1.49 -13.27 10.95
C ILE A 349 -0.69 -12.20 11.67
N VAL A 350 0.40 -11.77 11.05
CA VAL A 350 1.13 -10.60 11.50
C VAL A 350 1.00 -9.57 10.42
N TYR A 351 1.05 -8.29 10.80
CA TYR A 351 0.74 -7.20 9.87
C TYR A 351 1.94 -6.31 9.50
N ASN A 352 3.14 -6.73 9.89
CA ASN A 352 4.38 -6.04 9.55
C ASN A 352 5.42 -7.12 9.19
N PRO A 353 6.11 -6.95 8.06
CA PRO A 353 7.05 -7.96 7.65
C PRO A 353 8.23 -8.10 8.61
N ASN A 354 8.44 -7.13 9.47
CA ASN A 354 9.51 -7.23 10.45
C ASN A 354 9.16 -8.19 11.60
N GLN A 355 7.99 -8.81 11.54
CA GLN A 355 7.67 -9.92 12.43
C GLN A 355 7.94 -11.31 11.81
N VAL A 356 8.62 -11.30 10.67
CA VAL A 356 8.90 -12.54 9.96
C VAL A 356 10.38 -12.62 9.63
N ARG A 357 10.96 -13.80 9.86
CA ARG A 357 12.29 -14.12 9.34
C ARG A 357 12.27 -15.52 8.71
N MET A 358 12.31 -15.57 7.39
CA MET A 358 12.24 -16.82 6.67
C MET A 358 13.46 -17.63 7.05
N ARG A 359 13.28 -18.94 7.18
CA ARG A 359 14.32 -19.78 7.72
C ARG A 359 14.59 -21.09 6.94
N TYR A 360 13.56 -21.75 6.46
CA TYR A 360 13.73 -22.99 5.69
C TYR A 360 12.76 -23.04 4.49
N LEU A 361 13.30 -23.58 3.40
CA LEU A 361 12.55 -23.85 2.21
C LEU A 361 12.56 -25.34 1.94
N LEU A 362 11.38 -25.97 1.96
CA LEU A 362 11.24 -27.41 1.77
C LEU A 362 10.82 -27.72 0.35
N LYS A 363 11.52 -28.63 -0.31
CA LYS A 363 11.07 -29.11 -1.63
C LYS A 363 10.29 -30.38 -1.37
N VAL A 364 9.01 -30.37 -1.71
CA VAL A 364 8.08 -31.40 -1.33
C VAL A 364 7.46 -32.07 -2.53
N GLN A 365 7.41 -33.39 -2.45
CA GLN A 365 6.69 -34.25 -3.37
C GLN A 365 5.31 -34.59 -2.78
N PHE A 366 4.27 -34.29 -3.54
CA PHE A 366 2.91 -34.54 -3.12
C PHE A 366 2.49 -35.92 -3.67
N ASN A 367 2.05 -36.84 -2.83
CA ASN A 367 1.66 -38.18 -3.30
C ASN A 367 0.14 -38.33 -3.28
N PHE A 368 -0.48 -38.17 -4.45
CA PHE A 368 -1.97 -38.24 -4.57
C PHE A 368 -2.53 -39.66 -4.82
N THR B 15 12.51 21.18 -35.86
CA THR B 15 12.24 20.19 -34.77
C THR B 15 10.90 20.58 -34.05
N GLU B 16 9.99 21.21 -34.79
CA GLU B 16 8.67 21.61 -34.29
C GLU B 16 7.81 20.44 -33.88
N ASN B 17 6.76 20.77 -33.13
CA ASN B 17 5.76 19.81 -32.69
C ASN B 17 4.85 19.31 -33.80
N LEU B 18 4.85 19.99 -34.95
CA LEU B 18 4.09 19.54 -36.11
C LEU B 18 4.67 18.23 -36.64
N TYR B 19 5.98 18.08 -36.49
CA TYR B 19 6.68 16.91 -36.98
C TYR B 19 6.82 15.86 -35.88
N PHE B 20 7.36 16.28 -34.73
CA PHE B 20 7.59 15.37 -33.59
C PHE B 20 6.72 15.79 -32.40
N GLN B 21 5.69 15.01 -32.09
CA GLN B 21 4.83 15.35 -30.96
C GLN B 21 5.58 15.14 -29.65
N SER B 22 5.91 16.25 -28.99
CA SER B 22 6.63 16.22 -27.73
C SER B 22 5.83 16.88 -26.63
N MET B 23 6.20 16.57 -25.39
CA MET B 23 5.54 17.16 -24.23
C MET B 23 5.61 18.70 -24.27
N ASP B 24 4.48 19.36 -24.10
CA ASP B 24 4.44 20.81 -24.02
C ASP B 24 5.49 21.25 -22.99
N LEU B 25 6.26 22.29 -23.32
CA LEU B 25 7.29 22.84 -22.41
C LEU B 25 6.84 23.07 -20.97
N ARG B 26 5.64 23.58 -20.82
CA ARG B 26 5.10 23.96 -19.53
C ARG B 26 4.80 22.72 -18.68
N VAL B 27 4.28 21.68 -19.31
CA VAL B 27 4.08 20.40 -18.65
C VAL B 27 5.44 19.82 -18.28
N GLN B 28 6.42 19.97 -19.17
CA GLN B 28 7.78 19.50 -18.89
C GLN B 28 8.33 20.13 -17.62
N GLU B 29 8.22 21.45 -17.51
CA GLU B 29 8.70 22.15 -16.31
C GLU B 29 7.92 21.80 -15.05
N LEU B 30 6.63 21.52 -15.21
CA LEU B 30 5.81 21.05 -14.10
C LEU B 30 6.32 19.70 -13.60
N ILE B 31 6.53 18.77 -14.52
CA ILE B 31 7.00 17.43 -14.18
C ILE B 31 8.37 17.50 -13.50
N LYS B 32 9.29 18.27 -14.06
CA LYS B 32 10.63 18.37 -13.49
C LYS B 32 10.52 18.88 -12.06
N LEU B 33 9.61 19.81 -11.85
CA LEU B 33 9.43 20.42 -10.57
C LEU B 33 8.94 19.42 -9.53
N ILE B 34 7.82 18.76 -9.82
CA ILE B 34 7.21 17.90 -8.83
C ILE B 34 8.01 16.63 -8.62
N CYS B 35 8.75 16.21 -9.64
CA CYS B 35 9.60 15.00 -9.54
C CYS B 35 11.01 15.20 -8.97
N ASN B 36 11.41 16.41 -8.61
CA ASN B 36 12.74 16.69 -8.04
C ASN B 36 12.92 16.01 -6.67
N VAL B 37 13.67 14.93 -6.63
CA VAL B 37 13.92 14.17 -5.40
C VAL B 37 14.85 14.93 -4.44
N GLN B 38 15.81 15.66 -4.98
CA GLN B 38 16.65 16.54 -4.15
C GLN B 38 15.80 17.55 -3.36
N ALA B 39 14.83 18.18 -4.01
CA ALA B 39 13.93 19.06 -3.32
C ALA B 39 13.18 18.27 -2.23
N MET B 40 12.81 17.02 -2.47
CA MET B 40 12.06 16.32 -1.42
C MET B 40 12.96 16.11 -0.19
N GLU B 41 14.22 15.75 -0.45
CA GLU B 41 15.21 15.60 0.63
C GLU B 41 15.37 16.88 1.44
N GLU B 42 15.45 18.02 0.75
CA GLU B 42 15.63 19.30 1.43
C GLU B 42 14.40 19.67 2.22
N MET B 43 13.22 19.39 1.68
CA MET B 43 11.99 19.67 2.42
C MET B 43 11.93 18.82 3.69
N MET B 44 12.34 17.56 3.62
CA MET B 44 12.21 16.70 4.80
C MET B 44 13.23 17.13 5.86
N MET B 45 14.41 17.53 5.44
CA MET B 45 15.42 18.03 6.39
C MET B 45 14.93 19.28 7.11
N GLU B 46 14.20 20.11 6.39
CA GLU B 46 13.60 21.30 6.97
C GLU B 46 12.58 20.91 8.01
N MET B 47 11.86 19.80 7.82
CA MET B 47 10.91 19.31 8.81
C MET B 47 11.60 18.49 9.94
N LYS B 48 12.92 18.48 9.97
CA LYS B 48 13.71 17.83 11.02
C LYS B 48 13.83 16.31 10.89
N TYR B 49 13.42 15.79 9.74
CA TYR B 49 13.60 14.36 9.47
C TYR B 49 15.05 14.13 9.14
N ASN B 50 15.61 13.05 9.67
CA ASN B 50 17.01 12.72 9.46
C ASN B 50 17.26 11.83 8.21
N THR B 51 17.43 12.48 7.06
CA THR B 51 17.67 11.79 5.79
C THR B 51 19.00 11.04 5.76
N LYS B 52 19.99 11.43 6.56
CA LYS B 52 21.27 10.72 6.60
C LYS B 52 21.11 9.37 7.25
N LYS B 53 20.50 9.34 8.41
CA LYS B 53 20.27 8.09 9.12
C LYS B 53 19.22 7.22 8.48
N ALA B 54 18.23 7.82 7.81
CA ALA B 54 17.11 7.06 7.23
C ALA B 54 16.85 7.58 5.82
N PRO B 55 17.68 7.15 4.86
CA PRO B 55 17.52 7.72 3.53
C PRO B 55 16.11 7.47 3.00
N LEU B 56 15.58 8.48 2.32
CA LEU B 56 14.24 8.46 1.79
C LEU B 56 14.00 7.26 0.85
N GLY B 57 15.01 6.96 0.04
CA GLY B 57 15.04 5.79 -0.83
C GLY B 57 14.83 4.44 -0.18
N LYS B 58 15.05 4.35 1.13
CA LYS B 58 14.87 3.08 1.82
C LYS B 58 13.62 3.09 2.73
N LEU B 59 12.86 4.16 2.74
CA LEU B 59 11.66 4.20 3.56
C LEU B 59 10.61 3.32 2.94
N THR B 60 9.95 2.53 3.77
CA THR B 60 8.91 1.64 3.29
C THR B 60 7.58 2.07 3.88
N VAL B 61 6.50 1.59 3.27
CA VAL B 61 5.16 1.90 3.78
C VAL B 61 4.97 1.29 5.15
N ALA B 62 5.56 0.11 5.37
CA ALA B 62 5.44 -0.58 6.67
C ALA B 62 6.09 0.26 7.80
N GLN B 63 7.21 0.89 7.51
CA GLN B 63 7.88 1.78 8.49
C GLN B 63 7.06 3.02 8.82
N ILE B 64 6.41 3.61 7.81
CA ILE B 64 5.54 4.80 8.04
C ILE B 64 4.34 4.40 8.89
N LYS B 65 3.74 3.26 8.55
CA LYS B 65 2.64 2.73 9.34
C LYS B 65 3.08 2.51 10.77
N ALA B 66 4.25 1.93 10.98
CA ALA B 66 4.79 1.76 12.32
C ALA B 66 4.93 3.10 13.02
N GLY B 67 5.37 4.12 12.28
CA GLY B 67 5.39 5.51 12.79
C GLY B 67 4.05 6.03 13.30
N TYR B 68 3.01 5.88 12.50
CA TYR B 68 1.67 6.25 12.92
C TYR B 68 1.28 5.53 14.22
N GLN B 69 1.61 4.25 14.31
CA GLN B 69 1.22 3.47 15.49
C GLN B 69 1.91 4.00 16.75
N SER B 70 3.15 4.45 16.61
CA SER B 70 3.82 5.10 17.75
C SER B 70 3.15 6.41 18.10
N LEU B 71 2.71 7.18 17.09
CA LEU B 71 1.99 8.44 17.35
C LEU B 71 0.66 8.17 18.08
N LYS B 72 0.04 7.04 17.80
CA LYS B 72 -1.19 6.64 18.48
C LYS B 72 -0.89 6.37 19.96
N LYS B 73 0.24 5.74 20.25
CA LYS B 73 0.71 5.58 21.62
C LYS B 73 0.90 6.94 22.32
N ILE B 74 1.50 7.88 21.59
CA ILE B 74 1.65 9.24 22.10
C ILE B 74 0.26 9.86 22.34
N GLU B 75 -0.66 9.69 21.39
CA GLU B 75 -2.01 10.24 21.56
C GLU B 75 -2.65 9.71 22.87
N ASP B 76 -2.53 8.41 23.11
CA ASP B 76 -3.06 7.74 24.32
C ASP B 76 -2.49 8.39 25.57
N CYS B 77 -1.19 8.73 25.54
CA CYS B 77 -0.54 9.36 26.68
C CYS B 77 -1.08 10.77 26.90
N ILE B 78 -1.18 11.55 25.82
CA ILE B 78 -1.76 12.87 25.87
C ILE B 78 -3.22 12.84 26.37
N ARG B 79 -4.00 11.88 25.89
CA ARG B 79 -5.40 11.76 26.31
C ARG B 79 -5.53 11.45 27.82
N ALA B 80 -4.62 10.65 28.35
CA ALA B 80 -4.59 10.28 29.77
C ALA B 80 -3.91 11.32 30.66
N GLY B 81 -3.33 12.37 30.08
CA GLY B 81 -2.54 13.34 30.81
C GLY B 81 -1.27 12.74 31.40
N GLN B 82 -0.83 11.62 30.83
CA GLN B 82 0.43 11.01 31.26
C GLN B 82 1.59 11.87 30.75
N HIS B 83 2.60 12.07 31.61
CA HIS B 83 3.84 12.81 31.24
C HIS B 83 5.09 12.22 31.88
N GLY B 84 5.05 10.91 32.20
CA GLY B 84 6.20 10.18 32.72
C GLY B 84 6.68 9.08 31.77
N ARG B 85 6.97 7.90 32.34
CA ARG B 85 7.59 6.78 31.60
C ARG B 85 6.88 6.40 30.29
N ALA B 86 5.54 6.29 30.33
CA ALA B 86 4.77 5.83 29.16
C ALA B 86 4.98 6.78 27.97
N LEU B 87 4.90 8.09 28.21
CA LEU B 87 5.04 9.07 27.17
C LEU B 87 6.48 9.13 26.61
N MET B 88 7.47 9.11 27.53
CA MET B 88 8.89 9.09 27.16
C MET B 88 9.13 7.91 26.27
N GLU B 89 8.70 6.73 26.73
CA GLU B 89 8.85 5.49 25.97
C GLU B 89 8.19 5.60 24.58
N ALA B 90 7.05 6.27 24.53
CA ALA B 90 6.28 6.48 23.29
C ALA B 90 6.99 7.45 22.33
N CYS B 91 7.43 8.60 22.83
CA CYS B 91 8.18 9.55 22.02
C CYS B 91 9.49 8.96 21.54
N ASN B 92 10.17 8.17 22.38
CA ASN B 92 11.41 7.52 21.97
C ASN B 92 11.20 6.49 20.88
N GLU B 93 10.16 5.69 21.02
CA GLU B 93 9.77 4.74 19.99
C GLU B 93 9.51 5.47 18.67
N PHE B 94 8.75 6.56 18.72
CA PHE B 94 8.52 7.29 17.45
C PHE B 94 9.79 7.82 16.79
N TYR B 95 10.66 8.43 17.59
CA TYR B 95 11.92 9.00 17.05
C TYR B 95 12.89 7.91 16.61
N THR B 96 12.76 6.72 17.19
CA THR B 96 13.57 5.60 16.74
C THR B 96 13.08 5.11 15.39
N ARG B 97 11.77 5.04 15.22
CA ARG B 97 11.18 4.56 13.95
C ARG B 97 11.20 5.58 12.83
N ILE B 98 11.12 6.86 13.18
CA ILE B 98 11.08 7.95 12.22
C ILE B 98 12.17 8.93 12.64
N PRO B 99 13.44 8.66 12.23
CA PRO B 99 14.57 9.39 12.78
C PRO B 99 14.46 10.89 12.55
N HIS B 100 14.79 11.66 13.58
CA HIS B 100 14.78 13.14 13.50
C HIS B 100 16.18 13.67 13.85
N ASP B 101 16.50 14.88 13.42
CA ASP B 101 17.81 15.46 13.67
C ASP B 101 17.61 16.77 14.42
N PHE B 102 17.77 16.73 15.74
CA PHE B 102 17.62 17.93 16.54
C PHE B 102 19.00 18.52 16.94
N GLY B 103 20.06 18.14 16.23
CA GLY B 103 21.43 18.45 16.62
C GLY B 103 21.76 18.15 18.08
N LEU B 104 22.19 19.19 18.79
CA LEU B 104 22.61 19.07 20.18
C LEU B 104 21.47 19.35 21.18
N ARG B 105 20.28 19.64 20.68
CA ARG B 105 19.18 20.05 21.55
C ARG B 105 18.44 18.80 22.03
N THR B 106 17.93 18.85 23.25
CA THR B 106 17.12 17.76 23.80
C THR B 106 15.92 17.47 22.88
N PRO B 107 15.72 16.20 22.49
CA PRO B 107 14.56 15.98 21.63
C PRO B 107 13.27 16.36 22.32
N PRO B 108 12.44 17.17 21.67
CA PRO B 108 11.26 17.64 22.34
C PRO B 108 10.16 16.59 22.46
N LEU B 109 9.41 16.66 23.57
CA LEU B 109 8.29 15.76 23.77
C LEU B 109 7.16 16.22 22.81
N ILE B 110 6.30 15.29 22.43
CA ILE B 110 5.16 15.63 21.60
C ILE B 110 3.97 15.58 22.52
N ARG B 111 3.39 16.73 22.83
CA ARG B 111 2.36 16.77 23.88
C ARG B 111 1.10 17.56 23.55
N THR B 112 1.08 18.26 22.42
CA THR B 112 -0.12 18.99 22.01
C THR B 112 -0.75 18.43 20.74
N GLN B 113 -1.97 18.88 20.47
CA GLN B 113 -2.67 18.47 19.27
C GLN B 113 -1.93 19.04 18.05
N LYS B 114 -1.48 20.28 18.16
CA LYS B 114 -0.70 20.92 17.10
C LYS B 114 0.62 20.15 16.83
N GLU B 115 1.30 19.72 17.87
CA GLU B 115 2.54 18.98 17.75
C GLU B 115 2.31 17.59 17.19
N LEU B 116 1.20 16.97 17.60
CA LEU B 116 0.82 15.66 17.11
C LEU B 116 0.54 15.80 15.61
N SER B 117 -0.19 16.84 15.26
CA SER B 117 -0.54 17.09 13.86
C SER B 117 0.68 17.34 12.96
N GLU B 118 1.67 18.11 13.44
CA GLU B 118 2.91 18.31 12.69
C GLU B 118 3.56 16.99 12.36
N LYS B 119 3.54 16.07 13.31
CA LYS B 119 4.17 14.77 13.08
C LYS B 119 3.37 13.93 12.07
N ILE B 120 2.04 14.03 12.15
CA ILE B 120 1.18 13.42 11.14
C ILE B 120 1.49 13.98 9.75
N GLN B 121 1.65 15.29 9.65
CA GLN B 121 1.93 15.90 8.35
C GLN B 121 3.26 15.41 7.81
N LEU B 122 4.26 15.24 8.69
CA LEU B 122 5.55 14.71 8.27
C LEU B 122 5.38 13.29 7.68
N LEU B 123 4.60 12.45 8.34
CA LEU B 123 4.40 11.08 7.87
C LEU B 123 3.57 11.07 6.57
N GLU B 124 2.56 11.94 6.48
CA GLU B 124 1.83 12.10 5.19
C GLU B 124 2.77 12.51 4.06
N ALA B 125 3.72 13.41 4.31
CA ALA B 125 4.70 13.77 3.29
C ALA B 125 5.65 12.58 2.98
N LEU B 126 6.12 11.89 4.01
CA LEU B 126 6.91 10.69 3.77
C LEU B 126 6.18 9.67 2.87
N GLY B 127 4.90 9.46 3.15
CA GLY B 127 4.05 8.61 2.33
C GLY B 127 4.04 9.05 0.88
N ASP B 128 3.89 10.35 0.62
CA ASP B 128 3.90 10.81 -0.78
C ASP B 128 5.26 10.69 -1.47
N ILE B 129 6.33 10.86 -0.69
CA ILE B 129 7.68 10.70 -1.17
C ILE B 129 7.99 9.26 -1.50
N GLU B 130 7.50 8.32 -0.69
CA GLU B 130 7.72 6.90 -0.95
C GLU B 130 7.11 6.56 -2.32
N ILE B 131 5.92 7.09 -2.56
CA ILE B 131 5.25 6.97 -3.84
C ILE B 131 6.08 7.58 -4.98
N ALA B 132 6.55 8.80 -4.82
CA ALA B 132 7.26 9.50 -5.90
C ALA B 132 8.58 8.84 -6.26
N ILE B 133 9.33 8.42 -5.24
CA ILE B 133 10.64 7.85 -5.48
C ILE B 133 10.49 6.59 -6.33
N LYS B 134 9.48 5.79 -6.02
CA LYS B 134 9.14 4.61 -6.82
C LYS B 134 8.65 4.97 -8.22
N LEU B 135 7.84 6.01 -8.32
CA LEU B 135 7.31 6.41 -9.61
C LEU B 135 8.39 6.89 -10.57
N VAL B 136 9.40 7.59 -10.07
CA VAL B 136 10.39 8.19 -10.93
C VAL B 136 11.58 7.28 -11.25
N LYS B 137 11.58 6.04 -10.75
CA LYS B 137 12.64 5.10 -11.16
C LYS B 137 12.61 4.92 -12.68
N THR B 138 13.79 5.04 -13.29
CA THR B 138 13.92 4.87 -14.75
C THR B 138 14.48 3.50 -15.09
N GLU B 139 14.31 3.10 -16.35
CA GLU B 139 14.81 1.81 -16.84
C GLU B 139 16.10 2.07 -17.63
N LEU B 140 17.21 1.50 -17.15
CA LEU B 140 18.54 1.71 -17.77
C LEU B 140 18.46 1.94 -19.29
N GLN B 141 17.90 0.97 -20.00
CA GLN B 141 17.72 1.10 -21.45
C GLN B 141 16.24 1.13 -21.81
N SER B 142 15.65 2.33 -21.79
CA SER B 142 14.33 2.59 -22.39
C SER B 142 14.46 3.74 -23.37
N PRO B 143 13.79 3.63 -24.53
CA PRO B 143 13.87 4.69 -25.53
C PRO B 143 13.12 5.95 -25.10
N GLU B 144 12.21 5.79 -24.14
CA GLU B 144 11.40 6.88 -23.59
C GLU B 144 12.20 7.82 -22.69
N HIS B 145 12.03 9.13 -22.91
CA HIS B 145 12.63 10.18 -22.08
C HIS B 145 12.05 10.11 -20.65
N PRO B 146 12.89 10.31 -19.61
CA PRO B 146 12.38 10.25 -18.24
C PRO B 146 11.13 11.08 -17.98
N LEU B 147 11.04 12.28 -18.57
CA LEU B 147 9.90 13.14 -18.28
C LEU B 147 8.60 12.57 -18.83
N ASP B 148 8.64 11.97 -20.02
CA ASP B 148 7.46 11.31 -20.58
C ASP B 148 7.08 10.07 -19.76
N GLN B 149 8.11 9.38 -19.27
CA GLN B 149 7.92 8.24 -18.42
C GLN B 149 7.24 8.65 -17.10
N HIS B 150 7.76 9.70 -16.46
CA HIS B 150 7.13 10.18 -15.20
C HIS B 150 5.68 10.57 -15.44
N TYR B 151 5.46 11.37 -16.48
CA TYR B 151 4.12 11.83 -16.80
C TYR B 151 3.16 10.68 -17.06
N ARG B 152 3.63 9.71 -17.85
CA ARG B 152 2.82 8.52 -18.16
C ARG B 152 2.46 7.82 -16.86
N ASN B 153 3.44 7.65 -15.99
CA ASN B 153 3.20 6.93 -14.74
C ASN B 153 2.26 7.61 -13.74
N LEU B 154 1.92 8.87 -13.96
CA LEU B 154 0.94 9.55 -13.11
C LEU B 154 -0.49 9.14 -13.41
N HIS B 155 -0.75 8.67 -14.61
CA HIS B 155 -2.09 8.31 -15.03
C HIS B 155 -3.03 9.44 -14.72
N CYS B 156 -2.59 10.64 -15.12
CA CYS B 156 -3.28 11.90 -14.86
C CYS B 156 -2.89 12.93 -15.91
N ALA B 157 -3.81 13.23 -16.81
CA ALA B 157 -3.60 14.20 -17.86
C ALA B 157 -3.48 15.57 -17.22
N LEU B 158 -2.51 16.34 -17.69
CA LEU B 158 -2.30 17.73 -17.26
C LEU B 158 -2.20 18.61 -18.53
N ARG B 159 -3.15 19.51 -18.69
CA ARG B 159 -3.24 20.23 -19.96
C ARG B 159 -3.14 21.71 -19.73
N PRO B 160 -2.08 22.35 -20.24
CA PRO B 160 -1.91 23.80 -20.10
C PRO B 160 -3.10 24.56 -20.70
N LEU B 161 -3.54 25.62 -20.04
CA LEU B 161 -4.63 26.43 -20.54
C LEU B 161 -4.12 27.81 -20.96
N ASP B 162 -4.81 28.42 -21.90
CA ASP B 162 -4.45 29.75 -22.40
C ASP B 162 -4.69 30.80 -21.32
N HIS B 163 -3.73 31.68 -21.12
CA HIS B 163 -3.84 32.77 -20.13
C HIS B 163 -4.92 33.81 -20.49
N GLU B 164 -5.33 33.82 -21.76
CA GLU B 164 -6.43 34.65 -22.25
C GLU B 164 -7.76 33.88 -22.31
N SER B 165 -7.83 32.67 -21.73
CA SER B 165 -9.10 31.93 -21.71
C SER B 165 -10.03 32.37 -20.58
N TYR B 166 -11.32 32.10 -20.77
CA TYR B 166 -12.32 32.37 -19.76
C TYR B 166 -12.01 31.68 -18.44
N GLU B 167 -11.59 30.42 -18.54
CA GLU B 167 -11.25 29.60 -17.39
C GLU B 167 -10.13 30.28 -16.57
N PHE B 168 -9.08 30.74 -17.28
CA PHE B 168 -7.95 31.39 -16.63
C PHE B 168 -8.43 32.63 -15.91
N LYS B 169 -9.36 33.37 -16.52
CA LYS B 169 -9.89 34.57 -15.92
C LYS B 169 -10.63 34.28 -14.63
N VAL B 170 -11.56 33.33 -14.66
CA VAL B 170 -12.37 33.04 -13.48
C VAL B 170 -11.50 32.51 -12.32
N ILE B 171 -10.55 31.68 -12.65
CA ILE B 171 -9.65 31.09 -11.64
C ILE B 171 -8.71 32.13 -11.04
N SER B 172 -8.11 33.01 -11.86
CA SER B 172 -7.36 34.16 -11.33
C SER B 172 -8.21 34.98 -10.37
N GLN B 173 -9.44 35.30 -10.78
CA GLN B 173 -10.36 36.04 -9.91
C GLN B 173 -10.61 35.31 -8.60
N TYR B 174 -10.83 34.00 -8.72
CA TYR B 174 -11.12 33.18 -7.55
C TYR B 174 -9.87 33.23 -6.63
N LEU B 175 -8.70 33.06 -7.22
CA LEU B 175 -7.43 33.10 -6.46
C LEU B 175 -7.25 34.38 -5.67
N GLN B 176 -7.40 35.51 -6.35
CA GLN B 176 -7.13 36.83 -5.75
C GLN B 176 -8.24 37.25 -4.81
N SER B 177 -9.49 37.06 -5.25
CA SER B 177 -10.64 37.56 -4.50
C SER B 177 -10.93 36.80 -3.21
N THR B 178 -10.39 35.57 -3.08
CA THR B 178 -10.61 34.79 -1.85
C THR B 178 -9.32 34.67 -1.03
N HIS B 179 -8.36 35.56 -1.29
CA HIS B 179 -7.17 35.68 -0.45
C HIS B 179 -7.58 36.42 0.80
N ALA B 180 -7.45 35.75 1.94
CA ALA B 180 -8.04 36.20 3.16
C ALA B 180 -7.22 37.34 3.77
N PRO B 181 -7.92 38.23 4.51
CA PRO B 181 -7.29 39.39 5.14
C PRO B 181 -6.24 39.02 6.17
N THR B 182 -6.41 37.90 6.87
CA THR B 182 -5.45 37.56 7.91
C THR B 182 -4.25 36.74 7.41
N HIS B 183 -4.13 36.57 6.09
CA HIS B 183 -3.02 35.89 5.45
C HIS B 183 -2.21 36.90 4.65
N SER B 184 -1.87 38.03 5.29
CA SER B 184 -1.32 39.18 4.60
C SER B 184 0.19 39.17 4.43
N ASP B 185 0.84 38.09 4.87
CA ASP B 185 2.28 37.96 4.75
C ASP B 185 2.76 37.61 3.32
N TYR B 186 1.82 37.37 2.39
CA TYR B 186 2.17 37.18 0.99
C TYR B 186 1.01 37.54 0.07
N THR B 187 1.32 37.76 -1.19
CA THR B 187 0.32 37.70 -2.26
C THR B 187 0.75 36.59 -3.20
N MET B 188 -0.14 36.22 -4.12
CA MET B 188 0.07 35.14 -5.03
C MET B 188 -0.04 35.64 -6.46
N THR B 189 0.84 35.12 -7.32
CA THR B 189 0.82 35.42 -8.75
C THR B 189 0.67 34.09 -9.47
N LEU B 190 -0.35 33.99 -10.33
CA LEU B 190 -0.59 32.78 -11.09
C LEU B 190 0.37 32.71 -12.28
N LEU B 191 1.28 31.74 -12.26
CA LEU B 191 2.27 31.59 -13.32
C LEU B 191 1.73 30.73 -14.45
N ASP B 192 1.05 29.65 -14.11
CA ASP B 192 0.47 28.82 -15.13
C ASP B 192 -0.71 28.04 -14.57
N LEU B 193 -1.47 27.44 -15.47
CA LEU B 193 -2.72 26.80 -15.13
C LEU B 193 -2.85 25.56 -15.97
N PHE B 194 -3.18 24.44 -15.30
CA PHE B 194 -3.32 23.16 -15.99
C PHE B 194 -4.66 22.56 -15.68
N GLU B 195 -5.31 22.01 -16.70
CA GLU B 195 -6.52 21.24 -16.49
C GLU B 195 -6.09 19.84 -16.08
N VAL B 196 -6.74 19.29 -15.08
CA VAL B 196 -6.37 17.99 -14.53
C VAL B 196 -7.47 17.00 -14.89
N GLU B 197 -7.09 15.84 -15.42
CA GLU B 197 -8.05 14.77 -15.69
C GLU B 197 -7.40 13.47 -15.23
N LYS B 198 -7.67 13.14 -13.97
CA LYS B 198 -7.19 11.88 -13.38
C LYS B 198 -8.03 10.71 -13.86
N ASP B 199 -7.37 9.68 -14.36
CA ASP B 199 -8.04 8.43 -14.77
C ASP B 199 -8.99 7.92 -13.67
N GLY B 200 -10.25 7.70 -14.03
CA GLY B 200 -11.22 7.06 -13.15
C GLY B 200 -12.14 8.02 -12.42
N GLU B 201 -11.67 9.25 -12.20
CA GLU B 201 -12.38 10.18 -11.33
C GLU B 201 -13.72 10.64 -11.86
N LYS B 202 -13.81 10.83 -13.16
CA LYS B 202 -15.04 11.33 -13.81
C LYS B 202 -16.15 10.29 -13.64
N GLU B 203 -15.80 9.04 -13.93
CA GLU B 203 -16.69 7.90 -13.83
C GLU B 203 -17.13 7.64 -12.39
N ALA B 204 -16.21 7.77 -11.43
CA ALA B 204 -16.54 7.44 -10.04
C ALA B 204 -17.31 8.55 -9.33
N PHE B 205 -17.24 9.78 -9.86
CA PHE B 205 -17.72 10.98 -9.16
C PHE B 205 -19.21 10.99 -8.78
N ARG B 206 -19.54 11.48 -7.60
CA ARG B 206 -20.95 11.62 -7.19
C ARG B 206 -21.61 12.83 -7.86
N GLU B 207 -21.87 12.70 -9.16
CA GLU B 207 -22.58 13.71 -9.98
C GLU B 207 -23.95 14.05 -9.41
N ASP B 208 -24.61 13.06 -8.82
CA ASP B 208 -25.97 13.24 -8.30
C ASP B 208 -26.11 14.25 -7.19
N LEU B 209 -25.07 14.43 -6.38
CA LEU B 209 -25.24 15.22 -5.19
C LEU B 209 -25.37 16.70 -5.54
N HIS B 210 -26.25 17.38 -4.81
CA HIS B 210 -26.35 18.83 -4.85
C HIS B 210 -25.16 19.52 -4.15
N ASN B 211 -25.07 20.83 -4.34
CA ASN B 211 -24.06 21.61 -3.64
C ASN B 211 -22.68 21.15 -4.14
N ARG B 212 -22.54 21.05 -5.46
CA ARG B 212 -21.24 20.84 -6.05
C ARG B 212 -20.49 22.18 -6.14
N MET B 213 -19.32 22.25 -5.50
CA MET B 213 -18.53 23.48 -5.42
C MET B 213 -17.10 23.23 -5.89
N LEU B 214 -16.46 24.25 -6.44
CA LEU B 214 -15.08 24.15 -6.89
C LEU B 214 -14.23 24.71 -5.75
N LEU B 215 -13.43 23.85 -5.14
CA LEU B 215 -12.78 24.23 -3.89
C LEU B 215 -11.30 23.96 -3.91
N TRP B 216 -10.59 24.68 -3.05
CA TRP B 216 -9.14 24.66 -2.96
C TRP B 216 -8.59 23.53 -2.07
N HIS B 217 -7.42 23.04 -2.45
CA HIS B 217 -6.61 22.22 -1.61
C HIS B 217 -5.15 22.56 -1.87
N GLY B 218 -4.42 22.88 -0.80
CA GLY B 218 -2.99 23.10 -0.89
C GLY B 218 -2.20 21.97 -0.22
N SER B 219 -0.97 21.76 -0.65
CA SER B 219 -0.13 20.75 -0.07
C SER B 219 1.32 21.12 -0.37
N ARG B 220 2.23 20.52 0.39
CA ARG B 220 3.65 20.71 0.24
C ARG B 220 4.10 20.22 -1.13
N MET B 221 5.16 20.83 -1.66
CA MET B 221 5.66 20.47 -3.02
C MET B 221 6.06 19.02 -3.15
N SER B 222 6.46 18.40 -2.03
CA SER B 222 6.84 17.01 -1.96
C SER B 222 5.69 16.06 -2.30
N ASN B 223 4.45 16.54 -2.19
CA ASN B 223 3.32 15.66 -2.18
C ASN B 223 2.60 15.49 -3.53
N TRP B 224 2.96 16.30 -4.52
CA TRP B 224 2.12 16.37 -5.73
C TRP B 224 2.19 15.11 -6.63
N VAL B 225 3.32 14.44 -6.68
CA VAL B 225 3.39 13.17 -7.38
C VAL B 225 2.38 12.18 -6.78
N GLY B 226 2.32 12.10 -5.45
CA GLY B 226 1.37 11.20 -4.80
C GLY B 226 -0.07 11.58 -5.07
N ILE B 227 -0.37 12.87 -4.91
CA ILE B 227 -1.71 13.38 -5.09
C ILE B 227 -2.25 13.22 -6.52
N LEU B 228 -1.40 13.47 -7.50
CA LEU B 228 -1.82 13.36 -8.88
C LEU B 228 -1.91 11.89 -9.27
N SER B 229 -0.92 11.09 -8.88
CA SER B 229 -0.92 9.68 -9.24
C SER B 229 -1.97 8.85 -8.48
N HIS B 230 -2.25 9.19 -7.22
CA HIS B 230 -3.16 8.43 -6.36
C HIS B 230 -4.46 9.14 -6.00
N GLY B 231 -4.58 10.42 -6.37
CA GLY B 231 -5.71 11.25 -5.97
C GLY B 231 -5.59 11.70 -4.53
N LEU B 232 -6.44 12.61 -4.11
CA LEU B 232 -6.52 12.99 -2.72
C LEU B 232 -7.07 11.80 -1.92
N ARG B 233 -6.47 11.56 -0.76
CA ARG B 233 -6.77 10.37 0.03
C ARG B 233 -7.18 10.72 1.44
N ILE B 234 -8.02 9.87 2.02
CA ILE B 234 -8.32 10.01 3.44
C ILE B 234 -7.06 9.52 4.26
N ALA B 235 -6.95 9.99 5.49
CA ALA B 235 -5.80 9.69 6.35
C ALA B 235 -5.62 8.18 6.58
N HIS B 236 -4.37 7.79 6.85
CA HIS B 236 -4.04 6.41 7.19
C HIS B 236 -4.93 5.88 8.33
N PRO B 237 -5.43 4.64 8.22
CA PRO B 237 -6.25 4.11 9.32
C PRO B 237 -5.54 4.09 10.68
N GLU B 238 -4.22 3.97 10.69
CA GLU B 238 -3.46 3.94 11.97
C GLU B 238 -3.11 5.33 12.53
N ALA B 239 -3.41 6.40 11.78
CA ALA B 239 -3.13 7.75 12.23
C ALA B 239 -4.03 8.08 13.42
N PRO B 240 -3.49 8.81 14.42
CA PRO B 240 -4.38 9.26 15.50
C PRO B 240 -5.46 10.17 14.98
N ILE B 241 -6.68 9.92 15.42
CA ILE B 241 -7.82 10.69 14.97
C ILE B 241 -7.75 12.12 15.40
N THR B 242 -7.08 12.39 16.52
CA THR B 242 -7.00 13.76 16.99
C THR B 242 -6.09 14.64 16.13
N GLY B 243 -5.39 14.08 15.16
CA GLY B 243 -4.71 14.88 14.15
C GLY B 243 -5.65 15.62 13.21
N TYR B 244 -6.93 15.32 13.25
CA TYR B 244 -7.84 15.73 12.19
C TYR B 244 -9.03 16.46 12.80
N MET B 245 -9.09 17.76 12.58
CA MET B 245 -10.08 18.62 13.26
C MET B 245 -11.51 18.10 13.11
N PHE B 246 -11.83 17.58 11.92
CA PHE B 246 -13.15 17.03 11.64
C PHE B 246 -13.12 15.59 11.15
N GLY B 247 -12.17 14.81 11.65
CA GLY B 247 -12.06 13.40 11.26
C GLY B 247 -11.27 13.15 9.99
N LYS B 248 -11.26 11.90 9.56
CA LYS B 248 -10.39 11.46 8.49
C LYS B 248 -11.10 11.60 7.13
N GLY B 249 -11.23 12.83 6.67
CA GLY B 249 -11.83 13.09 5.37
C GLY B 249 -10.79 13.80 4.50
N ILE B 250 -11.25 14.32 3.38
CA ILE B 250 -10.45 15.15 2.49
C ILE B 250 -10.89 16.59 2.70
N TYR B 251 -9.92 17.46 2.99
CA TYR B 251 -10.15 18.83 3.43
C TYR B 251 -10.04 19.84 2.29
N PHE B 252 -10.99 20.78 2.24
CA PHE B 252 -11.06 21.82 1.21
C PHE B 252 -11.38 23.19 1.81
N ALA B 253 -10.94 24.25 1.14
CA ALA B 253 -11.28 25.60 1.55
C ALA B 253 -11.95 26.38 0.40
N ASP B 254 -12.73 27.39 0.77
CA ASP B 254 -13.26 28.37 -0.20
C ASP B 254 -12.46 29.68 -0.19
N MET B 255 -11.41 29.76 0.62
CA MET B 255 -10.48 30.87 0.59
C MET B 255 -9.14 30.37 0.12
N SER B 256 -8.66 30.93 -0.98
CA SER B 256 -7.46 30.44 -1.64
C SER B 256 -6.26 30.34 -0.67
N SER B 257 -6.10 31.34 0.17
CA SER B 257 -4.94 31.45 1.01
C SER B 257 -5.02 30.53 2.22
N LYS B 258 -6.23 30.19 2.69
CA LYS B 258 -6.34 29.17 3.75
C LYS B 258 -5.64 27.89 3.28
N SER B 259 -5.97 27.44 2.07
CA SER B 259 -5.28 26.30 1.43
C SER B 259 -3.79 26.53 1.06
N ALA B 260 -3.48 27.70 0.50
CA ALA B 260 -2.11 28.03 0.07
C ALA B 260 -1.11 28.05 1.20
N ASN B 261 -1.58 28.33 2.40
CA ASN B 261 -0.73 28.24 3.59
C ASN B 261 -0.22 26.81 3.79
N TYR B 262 -1.01 25.82 3.39
CA TYR B 262 -0.56 24.43 3.47
C TYR B 262 0.42 24.02 2.37
N CYS B 263 0.77 24.95 1.49
CA CYS B 263 1.87 24.77 0.57
C CYS B 263 3.22 24.89 1.29
N PHE B 264 3.23 25.60 2.40
CA PHE B 264 4.42 25.85 3.14
C PHE B 264 5.49 26.40 2.24
N ALA B 265 5.09 27.31 1.36
CA ALA B 265 6.03 28.04 0.52
C ALA B 265 6.79 29.06 1.39
N SER B 266 7.91 29.55 0.86
CA SER B 266 8.76 30.45 1.65
C SER B 266 9.48 31.38 0.71
N ARG B 267 10.11 32.40 1.29
CA ARG B 267 10.82 33.37 0.46
C ARG B 267 11.97 32.69 -0.28
N LEU B 268 12.51 31.62 0.30
CA LEU B 268 13.53 30.83 -0.41
C LEU B 268 12.92 29.92 -1.48
N LYS B 269 11.81 29.29 -1.17
CA LYS B 269 11.15 28.42 -2.14
C LYS B 269 9.76 28.94 -2.38
N ASN B 270 9.65 29.87 -3.30
CA ASN B 270 8.42 30.67 -3.44
C ASN B 270 7.43 30.19 -4.54
N THR B 271 7.71 29.04 -5.16
CA THR B 271 6.82 28.44 -6.14
C THR B 271 6.10 27.29 -5.49
N GLY B 272 4.78 27.36 -5.41
CA GLY B 272 3.95 26.26 -4.93
C GLY B 272 2.86 25.89 -5.93
N LEU B 273 2.11 24.84 -5.61
CA LEU B 273 0.94 24.50 -6.42
C LEU B 273 -0.31 24.54 -5.57
N LEU B 274 -1.43 24.86 -6.19
CA LEU B 274 -2.74 24.82 -5.56
C LEU B 274 -3.68 24.06 -6.50
N LEU B 275 -4.54 23.25 -5.88
CA LEU B 275 -5.44 22.36 -6.60
C LEU B 275 -6.87 22.88 -6.49
N LEU B 276 -7.56 22.93 -7.61
CA LEU B 276 -8.99 23.11 -7.62
C LEU B 276 -9.66 21.78 -7.99
N SER B 277 -10.71 21.45 -7.24
CA SER B 277 -11.46 20.20 -7.41
C SER B 277 -12.91 20.45 -7.29
N GLU B 278 -13.68 19.70 -8.04
CA GLU B 278 -15.12 19.67 -7.87
C GLU B 278 -15.47 18.80 -6.66
N VAL B 279 -16.19 19.36 -5.70
CA VAL B 279 -16.50 18.65 -4.47
C VAL B 279 -18.02 18.53 -4.34
N ALA B 280 -18.47 17.27 -4.33
CA ALA B 280 -19.87 16.97 -4.17
C ALA B 280 -20.24 17.00 -2.70
N LEU B 281 -20.61 18.16 -2.20
CA LEU B 281 -20.84 18.31 -0.78
C LEU B 281 -22.17 17.69 -0.31
N GLY B 282 -23.17 17.69 -1.17
CA GLY B 282 -24.52 17.30 -0.76
C GLY B 282 -24.98 18.15 0.42
N GLN B 283 -25.66 17.51 1.37
CA GLN B 283 -26.04 18.16 2.62
C GLN B 283 -24.82 18.19 3.52
N CYS B 284 -24.51 19.35 4.04
CA CYS B 284 -23.39 19.51 4.99
C CYS B 284 -23.89 19.38 6.40
N ASN B 285 -23.16 18.65 7.24
CA ASN B 285 -23.37 18.73 8.67
C ASN B 285 -22.54 19.91 9.10
N GLU B 286 -23.19 21.00 9.52
CA GLU B 286 -22.48 22.22 9.88
C GLU B 286 -22.05 22.22 11.33
N LEU B 287 -20.75 22.46 11.59
CA LEU B 287 -20.19 22.45 12.94
C LEU B 287 -19.43 23.75 13.23
N LEU B 288 -19.48 24.20 14.46
CA LEU B 288 -18.90 25.48 14.90
C LEU B 288 -17.48 25.36 15.44
N GLU B 289 -17.09 24.14 15.83
CA GLU B 289 -15.80 23.91 16.46
C GLU B 289 -15.36 22.50 16.21
N ALA B 290 -14.07 22.26 16.47
CA ALA B 290 -13.42 21.00 16.17
C ALA B 290 -14.13 19.82 16.85
N ASN B 291 -14.29 18.74 16.10
CA ASN B 291 -14.71 17.46 16.64
C ASN B 291 -14.15 16.36 15.75
N PRO B 292 -13.03 15.78 16.18
CA PRO B 292 -12.40 14.72 15.41
C PRO B 292 -13.29 13.51 15.14
N LYS B 293 -14.35 13.30 15.90
CA LYS B 293 -15.33 12.25 15.60
C LYS B 293 -16.49 12.75 14.70
N ALA B 294 -16.31 13.90 14.06
CA ALA B 294 -17.35 14.46 13.16
C ALA B 294 -17.92 13.49 12.14
N GLU B 295 -17.12 12.55 11.66
CA GLU B 295 -17.58 11.64 10.61
C GLU B 295 -18.80 10.83 11.05
N GLY B 296 -18.80 10.38 12.29
CA GLY B 296 -19.92 9.59 12.83
C GLY B 296 -21.17 10.42 13.12
N LEU B 297 -21.07 11.73 13.02
CA LEU B 297 -22.19 12.63 13.21
C LEU B 297 -22.94 12.93 11.89
N LEU B 298 -22.44 12.45 10.75
CA LEU B 298 -23.06 12.73 9.45
C LEU B 298 -24.54 12.31 9.40
N GLN B 299 -24.74 11.01 9.62
CA GLN B 299 -26.05 10.37 9.74
C GLN B 299 -26.94 10.66 8.55
N GLY B 300 -26.45 10.30 7.39
CA GLY B 300 -27.20 10.53 6.17
C GLY B 300 -26.66 11.72 5.41
N LYS B 301 -26.15 12.72 6.12
CA LYS B 301 -25.50 13.86 5.46
C LYS B 301 -24.21 13.40 4.75
N HIS B 302 -23.71 14.24 3.85
CA HIS B 302 -22.65 13.82 2.94
C HIS B 302 -21.29 14.50 3.19
N SER B 303 -21.27 15.54 4.00
CA SER B 303 -20.05 16.27 4.29
C SER B 303 -20.14 17.05 5.57
N THR B 304 -18.98 17.50 6.03
CA THR B 304 -18.90 18.33 7.21
C THR B 304 -18.46 19.69 6.71
N LYS B 305 -19.08 20.75 7.23
CA LYS B 305 -18.60 22.09 6.98
C LYS B 305 -18.30 22.70 8.32
N GLY B 306 -17.04 23.05 8.53
CA GLY B 306 -16.67 23.90 9.64
C GLY B 306 -17.03 25.33 9.24
N LEU B 307 -17.82 26.00 10.08
CA LEU B 307 -18.32 27.34 9.75
C LEU B 307 -17.33 28.39 10.20
N GLY B 308 -16.93 29.28 9.29
CA GLY B 308 -15.99 30.36 9.63
C GLY B 308 -16.68 31.69 9.84
N LYS B 309 -16.02 32.61 10.55
CA LYS B 309 -16.55 33.98 10.76
C LYS B 309 -16.72 34.70 9.44
N MET B 310 -15.83 34.45 8.48
CA MET B 310 -15.78 35.19 7.24
C MET B 310 -15.79 34.24 6.06
N ALA B 311 -16.63 34.53 5.09
CA ALA B 311 -16.72 33.73 3.87
C ALA B 311 -17.25 34.50 2.66
N PRO B 312 -17.01 33.95 1.46
CA PRO B 312 -17.60 34.44 0.23
C PRO B 312 -19.11 34.37 0.35
N SER B 313 -19.83 35.36 -0.18
CA SER B 313 -21.31 35.36 -0.09
C SER B 313 -21.94 35.06 -1.46
N SER B 314 -23.07 34.36 -1.42
CA SER B 314 -23.76 33.86 -2.62
C SER B 314 -24.00 34.88 -3.73
N ALA B 315 -24.23 36.14 -3.33
CA ALA B 315 -24.52 37.22 -4.29
C ALA B 315 -23.38 37.42 -5.29
N HIS B 316 -22.17 36.98 -4.93
CA HIS B 316 -21.01 37.10 -5.83
C HIS B 316 -20.62 35.81 -6.58
N PHE B 317 -21.30 34.69 -6.36
CA PHE B 317 -20.87 33.42 -6.97
C PHE B 317 -21.13 33.33 -8.48
N VAL B 318 -20.26 32.62 -9.19
CA VAL B 318 -20.54 32.16 -10.54
C VAL B 318 -20.42 30.65 -10.50
N THR B 319 -20.63 30.02 -11.65
CA THR B 319 -20.48 28.61 -11.77
C THR B 319 -19.59 28.36 -12.96
N LEU B 320 -18.90 27.22 -12.93
CA LEU B 320 -17.97 26.82 -13.98
C LEU B 320 -18.21 25.36 -14.26
N ASN B 321 -18.87 25.09 -15.38
CA ASN B 321 -19.16 23.72 -15.82
C ASN B 321 -19.87 22.88 -14.79
N GLY B 322 -20.85 23.45 -14.11
CA GLY B 322 -21.65 22.69 -13.18
C GLY B 322 -21.32 22.90 -11.72
N SER B 323 -20.17 23.50 -11.43
CA SER B 323 -19.77 23.74 -10.05
C SER B 323 -19.83 25.20 -9.63
N THR B 324 -20.38 25.45 -8.45
CA THR B 324 -20.39 26.79 -7.85
C THR B 324 -18.98 27.24 -7.51
N VAL B 325 -18.61 28.41 -8.02
CA VAL B 325 -17.32 29.02 -7.72
C VAL B 325 -17.59 30.17 -6.76
N PRO B 326 -17.13 30.04 -5.51
CA PRO B 326 -17.47 31.04 -4.50
C PRO B 326 -16.53 32.25 -4.49
N LEU B 327 -16.68 33.11 -5.50
CA LEU B 327 -15.86 34.31 -5.61
C LEU B 327 -16.07 35.18 -4.40
N GLY B 328 -14.97 35.80 -3.97
CA GLY B 328 -14.98 36.73 -2.85
C GLY B 328 -15.44 38.12 -3.29
N PRO B 329 -15.30 39.11 -2.42
CA PRO B 329 -14.54 39.03 -1.18
C PRO B 329 -15.29 38.31 -0.08
N ALA B 330 -14.58 37.90 0.95
CA ALA B 330 -15.23 37.31 2.11
C ALA B 330 -15.88 38.42 2.91
N SER B 331 -16.99 38.10 3.57
CA SER B 331 -17.59 38.99 4.54
C SER B 331 -18.17 38.18 5.71
N ASP B 332 -18.55 38.93 6.74
CA ASP B 332 -18.97 38.38 8.02
C ASP B 332 -20.17 37.45 7.82
N THR B 333 -20.19 36.32 8.51
CA THR B 333 -21.22 35.31 8.29
C THR B 333 -22.30 35.23 9.38
N GLY B 334 -22.02 35.72 10.59
CA GLY B 334 -22.74 35.29 11.80
C GLY B 334 -22.34 33.86 12.17
N TYR B 341 -14.42 29.93 20.86
CA TYR B 341 -13.45 29.96 19.77
C TYR B 341 -14.16 29.59 18.45
N THR B 342 -13.96 30.38 17.40
CA THR B 342 -14.63 30.13 16.11
C THR B 342 -13.62 30.19 14.96
N LEU B 343 -13.81 29.34 13.96
CA LEU B 343 -12.90 29.31 12.81
C LEU B 343 -12.93 30.65 12.10
N ASN B 344 -11.79 31.10 11.62
CA ASN B 344 -11.77 32.32 10.83
C ASN B 344 -12.50 32.15 9.51
N TYR B 345 -12.29 31.01 8.84
CA TYR B 345 -12.81 30.72 7.54
C TYR B 345 -13.34 29.28 7.48
N ASN B 346 -14.26 29.04 6.54
CA ASN B 346 -14.89 27.73 6.34
C ASN B 346 -13.88 26.65 6.01
N GLU B 347 -14.26 25.41 6.26
CA GLU B 347 -13.58 24.29 5.64
C GLU B 347 -14.60 23.20 5.39
N TYR B 348 -14.36 22.42 4.37
CA TYR B 348 -15.33 21.45 3.92
C TYR B 348 -14.62 20.13 3.88
N ILE B 349 -15.27 19.11 4.41
CA ILE B 349 -14.67 17.78 4.45
C ILE B 349 -15.58 16.71 3.90
N VAL B 350 -15.09 15.93 2.94
CA VAL B 350 -15.81 14.78 2.45
C VAL B 350 -15.05 13.53 2.85
N TYR B 351 -15.77 12.43 3.08
CA TYR B 351 -15.11 11.24 3.62
C TYR B 351 -14.99 10.08 2.64
N ASN B 352 -15.30 10.34 1.36
CA ASN B 352 -15.16 9.38 0.27
C ASN B 352 -14.55 10.09 -0.92
N PRO B 353 -13.44 9.54 -1.47
CA PRO B 353 -12.82 10.16 -2.62
C PRO B 353 -13.68 10.28 -3.87
N ASN B 354 -14.79 9.52 -3.94
CA ASN B 354 -15.73 9.64 -5.05
C ASN B 354 -16.58 10.93 -5.01
N GLN B 355 -16.39 11.73 -3.97
CA GLN B 355 -16.97 13.04 -3.91
C GLN B 355 -15.99 14.12 -4.39
N VAL B 356 -14.87 13.69 -4.98
CA VAL B 356 -13.83 14.57 -5.47
C VAL B 356 -13.51 14.29 -6.91
N ARG B 357 -13.50 15.35 -7.71
CA ARG B 357 -12.92 15.30 -9.03
C ARG B 357 -11.94 16.46 -9.21
N MET B 358 -10.65 16.14 -9.35
CA MET B 358 -9.62 17.17 -9.51
C MET B 358 -9.86 17.81 -10.90
N ARG B 359 -9.73 19.13 -11.00
CA ARG B 359 -10.00 19.80 -12.26
C ARG B 359 -8.93 20.76 -12.71
N TYR B 360 -8.31 21.51 -11.78
CA TYR B 360 -7.28 22.48 -12.13
C TYR B 360 -6.09 22.47 -11.17
N LEU B 361 -4.90 22.67 -11.73
CA LEU B 361 -3.71 22.81 -10.92
C LEU B 361 -3.05 24.15 -11.28
N LEU B 362 -2.84 24.98 -10.26
CA LEU B 362 -2.28 26.32 -10.42
C LEU B 362 -0.83 26.27 -9.99
N LYS B 363 0.05 26.75 -10.87
CA LYS B 363 1.42 26.95 -10.44
C LYS B 363 1.52 28.39 -9.97
N VAL B 364 1.83 28.59 -8.70
CA VAL B 364 1.69 29.90 -8.09
C VAL B 364 3.04 30.45 -7.64
N GLN B 365 3.22 31.75 -7.84
CA GLN B 365 4.39 32.43 -7.28
C GLN B 365 3.95 33.11 -6.04
N PHE B 366 4.59 32.81 -4.92
CA PHE B 366 4.24 33.45 -3.65
C PHE B 366 5.11 34.68 -3.49
N ASN B 367 4.48 35.83 -3.22
CA ASN B 367 5.24 37.08 -3.09
C ASN B 367 5.34 37.49 -1.65
N PHE B 368 6.48 37.21 -1.03
CA PHE B 368 6.70 37.51 0.38
C PHE B 368 7.32 38.88 0.60
#